data_7U2L
#
_entry.id   7U2L
#
_cell.length_a   1.00
_cell.length_b   1.00
_cell.length_c   1.00
_cell.angle_alpha   90.00
_cell.angle_beta   90.00
_cell.angle_gamma   90.00
#
_symmetry.space_group_name_H-M   'P 1'
#
loop_
_entity.id
_entity.type
_entity.pdbx_description
1 polymer 'Guanine nucleotide-binding protein G(i) subunit alpha-1'
2 polymer 'Guanine nucleotide-binding protein G(I)/G(S)/G(T) subunit beta-1'
3 polymer 'Guanine nucleotide-binding protein G(I)/G(S)/G(O) subunit gamma-2'
4 polymer 'Mu-type opioid receptor'
5 polymer scFv16
6 non-polymer N-(5-carbamimidamidopentyl)-N-[1-(2-phenylethyl)piperidin-4-yl]propanamide
#
loop_
_entity_poly.entity_id
_entity_poly.type
_entity_poly.pdbx_seq_one_letter_code
_entity_poly.pdbx_strand_id
1 'polypeptide(L)'
;MGCTLSAEDKAAVERSKMIDRNLREDGEKAAREVKLLLLGAGESGKSTIVKQMKIIHEAGYSEEECKQYKAVVYSNTIQS
IIAIIRAMGRLKIDFGDSARADDARQLFVLAGAAEEGFMTAELAGVIKRLWKDSGVQACFNRSREYQLNDSAAYYLNDLD
RIAQPNYIPTQQDVLRTRVKTTGIVETHFTFKDLHFKMFDVGGQRSERKKWIHCFEGVTAIIFCVALSDYDLVLAEDEEM
NRMHESMKLFDSICNNKWFTDTSIILFLNKKDLFEEKIKKSPLTICYPEYAGSNTYEEAAAYIQCQFEDLNKRKDTKEIY
THFTCATDTKNVQFVFDAVTDVIIKNNLKDCGLF
;
A
2 'polypeptide(L)'
;PGSSGSELDQLRQEAEQLKNQIRDARKACADATLSQITNNIDPVGRIQMRTRRTLRGHLAKIYAMHWGTDSRLLVSASQD
GKLIIWDSYTTNKVHAIPLRSSWVMTCAYAPSGNYVACGGLDNICSIYNLKTREGNVRVSRELAGHTGYLSCCRFLDDNQ
IVTSSGDTTCALWDIETGQQTTTFTGHTGDVMSLSLAPDTRLFVSGACDASAKLWDVREGMCRQTFTGHESDINAICFFP
NGNAFATGSDDATCRLFDLRADQELMTYSHDNIICGITSVSFSKSGRLLLAGYDDFNCNVWDALKADRAGVLAGHDNRVS
CLGVTDDGMAVATGSWDSFLKIWN
;
B
3 'polypeptide(L)' MASNNTASIAQARKLVEQLKMEANIDRIKVSKAAADLMAYCEAHAKEDPLLTPVPASENPFREKKFFCAIL C
4 'polypeptide(L)'
;NISDCSDPLAPASCSPAPGSWLNLSHVDGNQSDPCGPNRTGLGENLYFQGSHSLCPQTGSPSMVTAITIMALYSIVCVVG
LFGNFLVMYVIVRYTKMKTATNIYIFNLALADALATSTLPFQSVNYLMGTWPFGNILCKIVISIDYYNMFTSIFTLCTMS
VDRYIAVCHPVKALDFRTPRNAKIVNVCNWILSSAIGLPVMFMATTKYRQGSIDCTLTFSHPTWYWENLLKICVFIFAFI
MPVLIITVCYGLMILRLKSVRMLSGSKEKDRNLRRITRMVLVVVAVFIVCWTPIHIYVIIKALITIPETTFQTVSWHFCI
ALGYTNSCLNPVLYAFLDENFKRCFREFCIPTSSTI
;
D
5 'polypeptide(L)'
;DVQLVESGGGLVQPGGSRKLSCSASGFAFSSFGMHWVRQAPEKGLEWVAYISSGSGTIYYADTVKGRFTISRDDPKNTLF
LQMTSLRSEDTAMYYCVRSIYYYGSSPFDFWGQGTTLTVSSGGGGSGGGGSGGGGSDIVMTQATSSVPVTPGESVSISCR
SSKSLLHSNGNTYLYWFLQRPGQSPQLLIYRMSNLASGVPDRFSGSGSGTAFTLTISRLEAEDVGVYYCMQHLEYPLTFG
AGTKLELKAAAHHHHHHHH
;
E
#
loop_
_chem_comp.id
_chem_comp.type
_chem_comp.name
_chem_comp.formula
L0X non-polymer N-(5-carbamimidamidopentyl)-N-[1-(2-phenylethyl)piperidin-4-yl]propanamide 'C22 H37 N5 O'
#
# COMPACT_ATOMS: atom_id res chain seq x y z
N LEU A 5 9.19 -26.92 -6.54
CA LEU A 5 9.23 -25.59 -5.93
C LEU A 5 8.99 -24.51 -6.97
N SER A 6 7.81 -23.90 -6.94
CA SER A 6 7.44 -22.80 -7.84
C SER A 6 7.56 -23.24 -9.30
N ALA A 7 6.71 -24.21 -9.66
CA ALA A 7 6.76 -24.79 -11.00
C ALA A 7 6.24 -23.81 -12.05
N GLU A 8 4.97 -23.44 -11.94
CA GLU A 8 4.37 -22.40 -12.77
C GLU A 8 4.21 -21.09 -12.01
N ASP A 9 4.33 -21.12 -10.69
CA ASP A 9 4.24 -19.91 -9.88
C ASP A 9 5.40 -18.96 -10.12
N LYS A 10 6.46 -19.39 -10.80
CA LYS A 10 7.53 -18.47 -11.13
C LYS A 10 7.03 -17.32 -12.00
N ALA A 11 6.23 -17.63 -13.02
CA ALA A 11 5.69 -16.58 -13.87
C ALA A 11 4.65 -15.75 -13.12
N ALA A 12 3.92 -16.35 -12.18
CA ALA A 12 3.01 -15.58 -11.34
C ALA A 12 3.78 -14.57 -10.49
N VAL A 13 4.91 -15.00 -9.92
CA VAL A 13 5.73 -14.08 -9.13
C VAL A 13 6.33 -13.00 -10.02
N GLU A 14 6.70 -13.36 -11.25
CA GLU A 14 7.22 -12.36 -12.18
C GLU A 14 6.16 -11.31 -12.50
N ARG A 15 4.93 -11.74 -12.75
CA ARG A 15 3.83 -10.79 -12.98
C ARG A 15 3.59 -9.93 -11.74
N SER A 16 3.65 -10.54 -10.56
CA SER A 16 3.49 -9.79 -9.32
C SER A 16 4.56 -8.72 -9.20
N LYS A 17 5.80 -9.04 -9.51
CA LYS A 17 6.88 -8.06 -9.42
C LYS A 17 6.72 -6.97 -10.46
N MET A 18 6.26 -7.32 -11.67
CA MET A 18 6.05 -6.31 -12.70
C MET A 18 4.96 -5.32 -12.30
N ILE A 19 3.83 -5.84 -11.81
CA ILE A 19 2.78 -4.90 -11.39
C ILE A 19 3.17 -4.19 -10.11
N ASP A 20 4.08 -4.77 -9.31
CA ASP A 20 4.59 -4.06 -8.14
C ASP A 20 5.44 -2.87 -8.55
N ARG A 21 6.29 -3.03 -9.56
CA ARG A 21 7.08 -1.88 -10.00
C ARG A 21 6.20 -0.86 -10.69
N ASN A 22 5.13 -1.30 -11.37
CA ASN A 22 4.18 -0.34 -11.91
C ASN A 22 3.48 0.44 -10.79
N LEU A 23 3.12 -0.24 -9.71
CA LEU A 23 2.54 0.45 -8.56
C LEU A 23 3.52 1.47 -7.97
N ARG A 24 4.79 1.08 -7.86
CA ARG A 24 5.79 2.00 -7.32
C ARG A 24 5.97 3.22 -8.20
N GLU A 25 6.02 3.02 -9.52
CA GLU A 25 6.14 4.16 -10.44
C GLU A 25 4.94 5.08 -10.34
N ASP A 26 3.73 4.51 -10.28
CA ASP A 26 2.54 5.34 -10.14
C ASP A 26 2.53 6.08 -8.80
N GLY A 27 3.02 5.43 -7.75
CA GLY A 27 3.09 6.09 -6.46
C GLY A 27 4.05 7.26 -6.47
N GLU A 28 5.20 7.10 -7.13
CA GLU A 28 6.14 8.22 -7.26
C GLU A 28 5.50 9.35 -8.07
N LYS A 29 4.84 9.03 -9.18
CA LYS A 29 4.19 10.05 -9.98
C LYS A 29 3.13 10.79 -9.19
N ALA A 30 2.41 10.08 -8.30
CA ALA A 30 1.41 10.73 -7.48
C ALA A 30 2.03 11.55 -6.36
N ALA A 31 3.18 11.12 -5.85
CA ALA A 31 3.88 11.89 -4.83
C ALA A 31 4.45 13.19 -5.41
N ARG A 32 4.74 13.19 -6.71
CA ARG A 32 5.13 14.45 -7.36
C ARG A 32 4.01 15.48 -7.28
N GLU A 33 2.76 15.03 -7.33
CA GLU A 33 1.63 15.95 -7.27
C GLU A 33 1.56 16.62 -5.90
N VAL A 34 0.93 17.78 -5.88
CA VAL A 34 0.62 18.49 -4.64
C VAL A 34 -0.87 18.76 -4.60
N LYS A 35 -1.52 18.38 -3.50
CA LYS A 35 -2.96 18.44 -3.39
C LYS A 35 -3.38 19.61 -2.52
N LEU A 36 -4.54 20.19 -2.85
CA LEU A 36 -5.06 21.35 -2.13
C LEU A 36 -6.56 21.18 -1.94
N LEU A 37 -6.98 20.89 -0.71
CA LEU A 37 -8.39 20.89 -0.38
C LEU A 37 -8.96 22.29 -0.54
N LEU A 38 -10.20 22.37 -1.03
CA LEU A 38 -10.87 23.64 -1.21
C LEU A 38 -12.15 23.65 -0.39
N LEU A 39 -12.40 24.76 0.30
CA LEU A 39 -13.55 24.90 1.18
C LEU A 39 -14.18 26.26 0.95
N GLY A 40 -15.20 26.57 1.75
CA GLY A 40 -15.84 27.86 1.66
C GLY A 40 -17.28 27.79 2.10
N ALA A 41 -17.91 28.96 2.11
CA ALA A 41 -19.31 29.09 2.47
C ALA A 41 -20.17 29.01 1.20
N GLY A 42 -21.48 29.13 1.40
CA GLY A 42 -22.39 29.07 0.26
C GLY A 42 -22.19 30.24 -0.69
N GLU A 43 -22.27 29.94 -1.99
CA GLU A 43 -22.10 30.91 -3.08
C GLU A 43 -20.95 31.87 -2.80
N SER A 44 -19.83 31.30 -2.37
CA SER A 44 -18.62 32.07 -2.13
C SER A 44 -17.88 32.28 -3.47
N GLY A 45 -16.64 32.75 -3.40
CA GLY A 45 -15.87 33.02 -4.59
C GLY A 45 -15.02 31.86 -5.05
N LYS A 46 -15.35 30.64 -4.60
CA LYS A 46 -14.53 29.48 -4.96
C LYS A 46 -14.54 29.25 -6.46
N SER A 47 -15.71 29.32 -7.09
CA SER A 47 -15.78 29.18 -8.53
C SER A 47 -14.94 30.24 -9.23
N THR A 48 -14.85 31.43 -8.64
CA THR A 48 -14.03 32.49 -9.23
C THR A 48 -12.57 32.08 -9.28
N ILE A 49 -12.02 31.62 -8.15
CA ILE A 49 -10.60 31.24 -8.16
C ILE A 49 -10.37 30.01 -9.01
N VAL A 50 -11.38 29.13 -9.13
CA VAL A 50 -11.25 28.02 -10.08
C VAL A 50 -11.13 28.56 -11.50
N LYS A 51 -11.92 29.58 -11.84
CA LYS A 51 -11.82 30.16 -13.18
C LYS A 51 -10.49 30.90 -13.38
N GLN A 52 -9.93 31.48 -12.32
CA GLN A 52 -8.64 32.16 -12.45
C GLN A 52 -7.54 31.19 -12.87
N MET A 53 -7.54 30.00 -12.30
CA MET A 53 -6.54 28.98 -12.60
C MET A 53 -7.12 28.04 -13.65
N LYS A 54 -6.68 28.21 -14.90
CA LYS A 54 -7.40 27.68 -16.06
C LYS A 54 -7.52 26.17 -16.07
N ILE A 55 -6.63 25.46 -15.37
CA ILE A 55 -6.59 24.00 -15.38
C ILE A 55 -6.45 23.44 -16.80
N THR A 182 -20.65 12.84 -9.31
CA THR A 182 -20.77 14.27 -9.05
C THR A 182 -20.71 14.56 -7.55
N GLY A 183 -19.80 13.89 -6.86
CA GLY A 183 -19.62 14.13 -5.45
C GLY A 183 -18.59 15.19 -5.16
N ILE A 184 -17.40 15.03 -5.72
CA ILE A 184 -16.36 16.04 -5.63
C ILE A 184 -15.79 16.28 -7.03
N VAL A 185 -15.28 17.48 -7.25
CA VAL A 185 -14.73 17.89 -8.53
C VAL A 185 -13.24 18.14 -8.34
N GLU A 186 -12.42 17.44 -9.11
CA GLU A 186 -10.97 17.56 -9.01
C GLU A 186 -10.46 18.43 -10.16
N THR A 187 -9.59 19.38 -9.83
CA THR A 187 -9.04 20.33 -10.79
C THR A 187 -7.53 20.20 -10.81
N HIS A 188 -6.98 19.90 -11.99
CA HIS A 188 -5.54 19.74 -12.17
C HIS A 188 -5.00 20.91 -12.98
N PHE A 189 -3.96 21.54 -12.49
CA PHE A 189 -3.29 22.62 -13.22
C PHE A 189 -1.82 22.63 -12.84
N THR A 190 -1.01 23.24 -13.71
CA THR A 190 0.44 23.25 -13.57
C THR A 190 0.94 24.70 -13.60
N PHE A 191 1.77 25.05 -12.64
CA PHE A 191 2.37 26.38 -12.58
C PHE A 191 3.85 26.25 -12.23
N LYS A 192 4.71 26.67 -13.16
CA LYS A 192 6.16 26.70 -12.95
C LYS A 192 6.70 25.32 -12.55
N ASP A 193 6.43 24.34 -13.41
CA ASP A 193 6.91 22.96 -13.22
C ASP A 193 6.46 22.39 -11.88
N LEU A 194 5.24 22.71 -11.48
CA LEU A 194 4.61 22.13 -10.30
C LEU A 194 3.18 21.77 -10.64
N HIS A 195 2.78 20.56 -10.29
CA HIS A 195 1.47 20.02 -10.65
C HIS A 195 0.55 20.06 -9.44
N PHE A 196 -0.48 20.89 -9.51
CA PHE A 196 -1.44 21.05 -8.42
C PHE A 196 -2.70 20.26 -8.72
N LYS A 197 -3.24 19.60 -7.70
CA LYS A 197 -4.57 19.03 -7.76
C LYS A 197 -5.46 19.73 -6.75
N MET A 198 -6.67 20.09 -7.17
CA MET A 198 -7.57 20.89 -6.35
C MET A 198 -8.89 20.14 -6.22
N PHE A 199 -9.33 19.90 -5.00
CA PHE A 199 -10.51 19.08 -4.72
C PHE A 199 -11.62 19.98 -4.17
N ASP A 200 -12.61 20.27 -5.02
CA ASP A 200 -13.79 21.01 -4.60
C ASP A 200 -14.81 20.02 -4.03
N VAL A 201 -15.03 20.09 -2.72
CA VAL A 201 -15.81 19.08 -2.02
C VAL A 201 -17.18 19.60 -1.60
N GLY A 202 -17.43 20.90 -1.68
CA GLY A 202 -18.68 21.47 -1.21
C GLY A 202 -19.93 20.94 -1.88
N GLY A 203 -19.76 20.04 -2.85
CA GLY A 203 -20.88 19.40 -3.53
C GLY A 203 -21.42 18.17 -2.85
N GLN A 204 -20.94 17.85 -1.65
CA GLN A 204 -21.41 16.69 -0.89
C GLN A 204 -22.29 17.17 0.25
N ARG A 205 -23.57 16.79 0.20
CA ARG A 205 -24.52 17.14 1.25
C ARG A 205 -24.65 15.98 2.24
N SER A 206 -23.58 15.81 3.01
CA SER A 206 -23.51 14.78 4.03
C SER A 206 -22.71 15.32 5.21
N GLU A 207 -22.65 14.52 6.28
CA GLU A 207 -21.95 14.95 7.49
C GLU A 207 -20.46 15.05 7.21
N ARG A 208 -19.90 16.25 7.45
CA ARG A 208 -18.50 16.49 7.15
C ARG A 208 -17.56 15.70 8.06
N LYS A 209 -18.04 15.24 9.21
CA LYS A 209 -17.16 14.60 10.17
C LYS A 209 -16.74 13.20 9.77
N LYS A 210 -17.36 12.62 8.74
CA LYS A 210 -17.12 11.22 8.39
C LYS A 210 -16.14 11.03 7.26
N TRP A 211 -16.08 11.94 6.30
CA TRP A 211 -15.13 11.84 5.20
C TRP A 211 -13.99 12.85 5.29
N ILE A 212 -13.95 13.67 6.34
CA ILE A 212 -12.89 14.66 6.46
C ILE A 212 -11.55 14.06 6.80
N HIS A 213 -11.52 12.80 7.25
CA HIS A 213 -10.23 12.15 7.49
C HIS A 213 -9.64 11.58 6.22
N CYS A 214 -10.40 11.54 5.13
CA CYS A 214 -9.84 11.14 3.85
C CYS A 214 -8.80 12.13 3.37
N PHE A 215 -8.94 13.40 3.74
CA PHE A 215 -8.08 14.47 3.25
C PHE A 215 -6.91 14.76 4.17
N GLU A 216 -6.72 13.98 5.23
CA GLU A 216 -5.51 14.12 6.03
C GLU A 216 -4.30 13.87 5.15
N GLY A 217 -3.29 14.72 5.30
CA GLY A 217 -2.12 14.65 4.45
C GLY A 217 -2.16 15.53 3.23
N VAL A 218 -3.29 16.21 2.98
CA VAL A 218 -3.33 17.21 1.92
C VAL A 218 -2.34 18.32 2.27
N THR A 219 -1.67 18.85 1.25
CA THR A 219 -0.59 19.79 1.48
C THR A 219 -1.08 21.07 2.14
N ALA A 220 -2.17 21.63 1.64
CA ALA A 220 -2.71 22.86 2.20
C ALA A 220 -4.22 22.83 2.07
N ILE A 221 -4.85 23.92 2.51
CA ILE A 221 -6.28 24.13 2.39
C ILE A 221 -6.51 25.51 1.80
N ILE A 222 -7.35 25.59 0.78
CA ILE A 222 -7.67 26.85 0.14
C ILE A 222 -9.08 27.23 0.57
N PHE A 223 -9.17 28.15 1.54
CA PHE A 223 -10.44 28.58 2.11
C PHE A 223 -10.86 29.88 1.45
N CYS A 224 -12.08 29.91 0.94
CA CYS A 224 -12.61 31.08 0.24
C CYS A 224 -13.62 31.79 1.12
N VAL A 225 -13.44 33.09 1.30
CA VAL A 225 -14.36 33.93 2.08
C VAL A 225 -14.74 35.13 1.24
N ALA A 226 -16.03 35.40 1.13
CA ALA A 226 -16.52 36.54 0.36
C ALA A 226 -16.56 37.77 1.26
N LEU A 227 -15.84 38.82 0.84
CA LEU A 227 -15.84 40.06 1.62
C LEU A 227 -17.13 40.85 1.46
N SER A 228 -17.92 40.55 0.44
CA SER A 228 -19.16 41.27 0.17
C SER A 228 -20.35 40.70 0.92
N ASP A 229 -20.14 39.68 1.76
CA ASP A 229 -21.22 39.00 2.45
C ASP A 229 -21.14 39.19 3.95
N TYR A 230 -20.80 40.40 4.39
CA TYR A 230 -20.85 40.72 5.81
C TYR A 230 -22.21 41.24 6.25
N ASP A 231 -23.08 41.62 5.30
CA ASP A 231 -24.41 42.13 5.64
C ASP A 231 -25.50 41.33 4.93
N LEU A 232 -25.21 40.09 4.56
CA LEU A 232 -26.17 39.21 3.95
C LEU A 232 -26.43 38.01 4.85
N VAL A 233 -27.61 37.42 4.69
CA VAL A 233 -28.02 36.30 5.53
C VAL A 233 -28.23 35.05 4.70
N ASN A 241 -24.41 38.02 8.90
CA ASN A 241 -24.72 36.65 9.32
C ASN A 241 -23.93 35.64 8.53
N ARG A 242 -23.93 35.79 7.19
CA ARG A 242 -23.19 34.87 6.35
C ARG A 242 -21.69 34.93 6.63
N MET A 243 -21.19 36.14 6.92
CA MET A 243 -19.79 36.26 7.33
C MET A 243 -19.53 35.49 8.61
N HIS A 244 -20.47 35.53 9.56
CA HIS A 244 -20.31 34.74 10.77
C HIS A 244 -20.38 33.24 10.47
N GLU A 245 -21.17 32.85 9.47
CA GLU A 245 -21.19 31.44 9.06
C GLU A 245 -19.82 31.01 8.52
N SER A 246 -19.22 31.84 7.67
CA SER A 246 -17.89 31.53 7.17
C SER A 246 -16.88 31.48 8.29
N MET A 247 -16.98 32.41 9.26
CA MET A 247 -16.06 32.42 10.39
C MET A 247 -16.20 31.15 11.23
N LYS A 248 -17.43 30.71 11.47
CA LYS A 248 -17.60 29.50 12.29
C LYS A 248 -17.16 28.25 11.54
N LEU A 249 -17.35 28.21 10.22
CA LEU A 249 -16.81 27.10 9.44
C LEU A 249 -15.29 27.08 9.50
N PHE A 250 -14.66 28.26 9.37
CA PHE A 250 -13.21 28.35 9.44
C PHE A 250 -12.70 27.91 10.81
N ASP A 251 -13.41 28.32 11.87
CA ASP A 251 -13.02 27.88 13.21
C ASP A 251 -13.18 26.37 13.36
N SER A 252 -14.25 25.80 12.81
CA SER A 252 -14.52 24.38 13.00
C SER A 252 -13.54 23.51 12.24
N ILE A 253 -13.04 23.97 11.09
CA ILE A 253 -12.13 23.14 10.30
C ILE A 253 -10.72 23.73 10.28
N CYS A 254 -10.43 24.67 11.17
CA CYS A 254 -9.07 25.16 11.38
C CYS A 254 -8.41 24.55 12.61
N ASN A 255 -9.21 24.14 13.59
CA ASN A 255 -8.74 23.46 14.79
C ASN A 255 -9.04 21.97 14.75
N ASN A 256 -9.21 21.41 13.56
CA ASN A 256 -9.60 20.01 13.42
C ASN A 256 -8.46 19.09 13.84
N LYS A 257 -8.84 17.92 14.36
CA LYS A 257 -7.84 16.96 14.81
C LYS A 257 -7.00 16.43 13.65
N TRP A 258 -7.56 16.41 12.45
CA TRP A 258 -6.82 15.90 11.30
C TRP A 258 -5.96 16.97 10.65
N PHE A 259 -6.44 18.21 10.62
CA PHE A 259 -5.74 19.33 10.00
C PHE A 259 -5.01 20.16 11.03
N THR A 260 -4.48 19.52 12.08
CA THR A 260 -3.79 20.24 13.14
C THR A 260 -2.51 20.91 12.67
N ASP A 261 -1.95 20.49 11.52
CA ASP A 261 -0.73 21.08 11.01
C ASP A 261 -0.82 21.41 9.52
N THR A 262 -1.98 21.23 8.89
CA THR A 262 -2.16 21.55 7.49
C THR A 262 -2.41 23.05 7.35
N SER A 263 -1.42 23.77 6.82
CA SER A 263 -1.51 25.22 6.74
C SER A 263 -2.61 25.64 5.79
N ILE A 264 -3.35 26.68 6.17
CA ILE A 264 -4.51 27.14 5.42
C ILE A 264 -4.12 28.34 4.58
N ILE A 265 -4.44 28.29 3.29
CA ILE A 265 -4.31 29.44 2.40
C ILE A 265 -5.68 30.08 2.29
N LEU A 266 -5.80 31.33 2.71
CA LEU A 266 -7.08 32.00 2.85
C LEU A 266 -7.22 33.04 1.75
N PHE A 267 -8.29 32.97 0.98
CA PHE A 267 -8.62 33.95 -0.02
C PHE A 267 -9.77 34.82 0.46
N LEU A 268 -9.83 36.05 -0.07
CA LEU A 268 -10.89 37.00 0.28
C LEU A 268 -11.32 37.68 -1.01
N ASN A 269 -12.34 37.11 -1.66
CA ASN A 269 -12.78 37.59 -2.95
C ASN A 269 -13.66 38.84 -2.79
N LYS A 270 -14.04 39.41 -3.93
CA LYS A 270 -15.00 40.52 -4.01
C LYS A 270 -14.53 41.73 -3.21
N LYS A 271 -13.35 42.24 -3.58
CA LYS A 271 -12.86 43.48 -2.99
C LYS A 271 -13.64 44.68 -3.51
N ASP A 272 -14.03 44.65 -4.79
CA ASP A 272 -14.75 45.78 -5.37
C ASP A 272 -16.11 45.99 -4.71
N LEU A 273 -16.83 44.89 -4.44
CA LEU A 273 -18.09 45.02 -3.73
C LEU A 273 -17.88 45.50 -2.30
N PHE A 274 -16.76 45.11 -1.67
CA PHE A 274 -16.44 45.65 -0.35
C PHE A 274 -16.26 47.15 -0.43
N GLU A 275 -15.52 47.64 -1.43
CA GLU A 275 -15.35 49.07 -1.62
C GLU A 275 -16.70 49.76 -1.83
N GLU A 276 -17.57 49.13 -2.63
CA GLU A 276 -18.89 49.71 -2.89
C GLU A 276 -19.72 49.80 -1.62
N LYS A 277 -19.70 48.76 -0.78
CA LYS A 277 -20.65 48.64 0.31
C LYS A 277 -20.18 49.29 1.61
N ILE A 278 -18.87 49.40 1.86
CA ILE A 278 -18.42 50.05 3.08
C ILE A 278 -18.84 51.52 3.10
N LYS A 279 -18.83 52.17 1.94
CA LYS A 279 -19.20 53.59 1.88
C LYS A 279 -20.65 53.83 2.28
N LYS A 280 -21.48 52.80 2.29
CA LYS A 280 -22.89 52.96 2.64
C LYS A 280 -23.34 52.05 3.76
N SER A 281 -22.83 50.81 3.82
CA SER A 281 -23.17 49.89 4.89
C SER A 281 -22.01 49.79 5.87
N PRO A 282 -22.14 50.29 7.09
CA PRO A 282 -21.03 50.23 8.04
C PRO A 282 -20.73 48.80 8.45
N LEU A 283 -19.46 48.55 8.77
CA LEU A 283 -19.05 47.22 9.21
C LEU A 283 -19.62 46.84 10.56
N THR A 284 -20.21 47.80 11.29
CA THR A 284 -20.82 47.48 12.58
C THR A 284 -22.07 46.63 12.44
N ILE A 285 -22.60 46.45 11.22
CA ILE A 285 -23.72 45.55 11.01
C ILE A 285 -23.32 44.12 11.36
N CYS A 286 -22.14 43.69 10.87
CA CYS A 286 -21.64 42.36 11.17
C CYS A 286 -20.89 42.32 12.50
N TYR A 287 -19.95 43.24 12.69
CA TYR A 287 -19.15 43.32 13.91
C TYR A 287 -19.56 44.55 14.70
N PRO A 288 -20.50 44.42 15.65
CA PRO A 288 -20.99 45.61 16.37
C PRO A 288 -19.92 46.31 17.20
N GLU A 289 -18.83 45.63 17.54
CA GLU A 289 -17.78 46.22 18.36
C GLU A 289 -16.69 46.89 17.54
N TYR A 290 -16.84 46.95 16.23
CA TYR A 290 -15.82 47.55 15.37
C TYR A 290 -15.71 49.04 15.64
N ALA A 291 -14.62 49.46 16.27
CA ALA A 291 -14.34 50.85 16.57
C ALA A 291 -13.19 51.30 15.67
N GLY A 292 -13.54 51.83 14.50
CA GLY A 292 -12.53 52.26 13.55
C GLY A 292 -13.18 52.94 12.38
N SER A 293 -12.32 53.47 11.50
CA SER A 293 -12.79 54.19 10.33
C SER A 293 -13.43 53.22 9.33
N ASN A 294 -14.40 53.74 8.57
CA ASN A 294 -15.08 52.96 7.55
C ASN A 294 -14.38 53.09 6.19
N THR A 295 -13.09 52.82 6.18
CA THR A 295 -12.29 52.79 4.96
C THR A 295 -12.03 51.33 4.56
N TYR A 296 -11.83 51.12 3.27
CA TYR A 296 -11.65 49.77 2.75
C TYR A 296 -10.44 49.09 3.36
N GLU A 297 -9.31 49.80 3.46
CA GLU A 297 -8.10 49.19 3.99
C GLU A 297 -8.27 48.79 5.45
N GLU A 298 -8.85 49.67 6.27
CA GLU A 298 -9.00 49.37 7.69
C GLU A 298 -9.93 48.20 7.91
N ALA A 299 -11.08 48.20 7.23
CA ALA A 299 -12.05 47.12 7.38
C ALA A 299 -11.47 45.80 6.87
N ALA A 300 -10.78 45.83 5.73
CA ALA A 300 -10.19 44.61 5.20
C ALA A 300 -9.13 44.05 6.14
N ALA A 301 -8.29 44.91 6.71
CA ALA A 301 -7.30 44.44 7.67
C ALA A 301 -7.97 43.88 8.92
N TYR A 302 -9.05 44.52 9.37
CA TYR A 302 -9.76 44.03 10.54
C TYR A 302 -10.35 42.65 10.28
N ILE A 303 -10.95 42.45 9.11
CA ILE A 303 -11.52 41.14 8.79
C ILE A 303 -10.42 40.09 8.67
N GLN A 304 -9.31 40.43 8.03
CA GLN A 304 -8.20 39.48 7.91
C GLN A 304 -7.67 39.09 9.29
N CYS A 305 -7.51 40.07 10.18
CA CYS A 305 -7.03 39.76 11.53
C CYS A 305 -8.04 38.92 12.29
N GLN A 306 -9.34 39.21 12.12
CA GLN A 306 -10.36 38.41 12.79
C GLN A 306 -10.32 36.97 12.32
N PHE A 307 -10.09 36.74 11.03
CA PHE A 307 -10.01 35.38 10.52
C PHE A 307 -8.73 34.68 10.99
N GLU A 308 -7.60 35.38 10.94
CA GLU A 308 -6.34 34.79 11.37
C GLU A 308 -6.25 34.63 12.88
N ASP A 309 -7.18 35.22 13.64
CA ASP A 309 -7.21 35.02 15.09
C ASP A 309 -7.82 33.68 15.49
N LEU A 310 -8.36 32.92 14.53
CA LEU A 310 -9.17 31.75 14.85
C LEU A 310 -8.37 30.46 14.97
N ASN A 311 -7.06 30.47 14.70
CA ASN A 311 -6.25 29.27 14.87
C ASN A 311 -5.67 29.28 16.29
N LYS A 312 -6.11 28.31 17.10
CA LYS A 312 -5.64 28.25 18.47
C LYS A 312 -4.15 27.94 18.55
N ARG A 313 -3.66 27.03 17.72
CA ARG A 313 -2.26 26.62 17.72
C ARG A 313 -1.49 27.50 16.73
N LYS A 314 -1.31 28.76 17.09
CA LYS A 314 -0.64 29.72 16.23
C LYS A 314 0.81 29.38 15.96
N ASP A 315 1.41 28.49 16.74
CA ASP A 315 2.81 28.12 16.58
C ASP A 315 2.98 26.79 15.83
N THR A 316 1.92 26.26 15.25
CA THR A 316 1.98 24.99 14.54
C THR A 316 1.64 25.11 13.07
N LYS A 317 0.58 25.84 12.71
CA LYS A 317 0.17 25.97 11.32
C LYS A 317 0.06 27.44 10.95
N GLU A 318 0.41 27.75 9.70
CA GLU A 318 0.31 29.09 9.17
C GLU A 318 -1.07 29.32 8.56
N ILE A 319 -1.42 30.60 8.42
CA ILE A 319 -2.63 31.00 7.70
C ILE A 319 -2.20 32.11 6.74
N TYR A 320 -1.90 31.73 5.51
CA TYR A 320 -1.55 32.70 4.48
C TYR A 320 -2.81 33.39 3.98
N THR A 321 -2.73 34.71 3.81
CA THR A 321 -3.88 35.50 3.42
C THR A 321 -3.57 36.29 2.16
N HIS A 322 -4.57 36.41 1.30
CA HIS A 322 -4.44 37.17 0.06
C HIS A 322 -5.81 37.65 -0.37
N PHE A 323 -5.90 38.92 -0.76
CA PHE A 323 -7.13 39.49 -1.27
C PHE A 323 -7.15 39.25 -2.78
N THR A 324 -8.08 38.41 -3.24
CA THR A 324 -8.07 37.93 -4.61
C THR A 324 -8.12 39.06 -5.63
N CYS A 325 -7.04 39.22 -6.38
CA CYS A 325 -6.95 40.20 -7.45
C CYS A 325 -7.13 39.48 -8.79
N ALA A 326 -7.82 40.14 -9.72
CA ALA A 326 -8.20 39.54 -11.00
C ALA A 326 -7.28 39.97 -12.14
N THR A 327 -5.99 40.15 -11.87
CA THR A 327 -5.05 40.58 -12.89
C THR A 327 -3.77 39.76 -12.83
N ASP A 328 -3.19 39.51 -14.00
CA ASP A 328 -1.86 38.92 -14.18
C ASP A 328 -1.70 37.55 -13.55
N THR A 329 -2.80 36.92 -13.11
CA THR A 329 -2.76 35.62 -12.45
C THR A 329 -1.79 35.62 -11.28
N LYS A 330 -1.91 36.64 -10.43
CA LYS A 330 -1.09 36.70 -9.22
C LYS A 330 -1.62 35.80 -8.12
N ASN A 331 -2.89 35.39 -8.20
CA ASN A 331 -3.44 34.48 -7.20
C ASN A 331 -2.76 33.12 -7.24
N VAL A 332 -2.53 32.59 -8.44
CA VAL A 332 -1.83 31.31 -8.54
C VAL A 332 -0.38 31.48 -8.11
N GLN A 333 0.20 32.66 -8.30
CA GLN A 333 1.55 32.91 -7.79
C GLN A 333 1.58 32.88 -6.27
N PHE A 334 0.58 33.49 -5.62
CA PHE A 334 0.51 33.43 -4.17
C PHE A 334 0.33 32.00 -3.68
N VAL A 335 -0.53 31.24 -4.36
CA VAL A 335 -0.72 29.83 -4.01
C VAL A 335 0.59 29.07 -4.17
N PHE A 336 1.32 29.35 -5.24
CA PHE A 336 2.61 28.69 -5.46
C PHE A 336 3.61 29.01 -4.36
N ASP A 337 3.67 30.27 -3.94
CA ASP A 337 4.59 30.64 -2.87
C ASP A 337 4.22 29.97 -1.56
N ALA A 338 2.94 29.96 -1.22
CA ALA A 338 2.51 29.32 0.02
C ALA A 338 2.79 27.82 -0.02
N VAL A 339 2.52 27.18 -1.15
CA VAL A 339 2.75 25.75 -1.27
C VAL A 339 4.24 25.44 -1.20
N THR A 340 5.08 26.31 -1.77
CA THR A 340 6.52 26.12 -1.66
C THR A 340 6.98 26.22 -0.22
N ASP A 341 6.43 27.18 0.54
CA ASP A 341 6.76 27.28 1.96
C ASP A 341 6.33 26.02 2.71
N VAL A 342 5.15 25.49 2.40
CA VAL A 342 4.68 24.28 3.07
C VAL A 342 5.54 23.08 2.70
N ILE A 343 5.97 23.00 1.44
CA ILE A 343 6.85 21.92 1.02
C ILE A 343 8.19 22.01 1.75
N ILE A 344 8.71 23.22 1.90
CA ILE A 344 9.96 23.40 2.64
C ILE A 344 9.79 22.96 4.09
N LYS A 345 8.67 23.34 4.71
CA LYS A 345 8.43 22.92 6.09
C LYS A 345 8.31 21.41 6.22
N ASN A 346 7.61 20.78 5.28
CA ASN A 346 7.48 19.32 5.32
C ASN A 346 8.82 18.64 5.11
N ASN A 347 9.66 19.18 4.21
CA ASN A 347 10.99 18.64 4.02
C ASN A 347 11.83 18.79 5.28
N LEU A 348 11.69 19.93 5.96
CA LEU A 348 12.41 20.12 7.23
C LEU A 348 11.95 19.11 8.28
N LYS A 349 10.65 18.89 8.37
CA LYS A 349 10.14 17.91 9.34
C LYS A 349 10.64 16.51 9.01
N ASP A 350 10.66 16.16 7.73
CA ASP A 350 11.16 14.84 7.33
C ASP A 350 12.64 14.70 7.64
N CYS A 351 13.43 15.74 7.36
CA CYS A 351 14.85 15.70 7.63
C CYS A 351 15.18 15.72 9.12
N GLY A 352 14.22 16.10 9.97
CA GLY A 352 14.42 16.13 11.39
C GLY A 352 14.88 17.44 11.96
N LEU A 353 15.27 18.41 11.12
CA LEU A 353 15.67 19.70 11.63
C LEU A 353 14.49 20.41 12.33
N PHE A 354 13.31 20.31 11.75
CA PHE A 354 12.13 20.95 12.32
C PHE A 354 11.39 19.94 13.19
N ASP B 9 -51.47 18.17 13.68
CA ASP B 9 -50.14 17.55 13.73
C ASP B 9 -49.93 16.89 15.09
N GLN B 10 -50.94 16.17 15.56
CA GLN B 10 -50.88 15.45 16.82
C GLN B 10 -50.33 14.04 16.67
N LEU B 11 -50.07 13.59 15.45
CA LEU B 11 -49.60 12.23 15.22
C LEU B 11 -48.24 11.97 15.85
N ARG B 12 -47.50 13.02 16.22
CA ARG B 12 -46.27 12.83 16.97
C ARG B 12 -46.55 12.15 18.32
N GLN B 13 -47.67 12.50 18.95
CA GLN B 13 -48.07 11.82 20.18
C GLN B 13 -48.33 10.34 19.92
N GLU B 14 -48.98 10.03 18.80
CA GLU B 14 -49.20 8.63 18.45
C GLU B 14 -47.89 7.90 18.20
N ALA B 15 -46.93 8.56 17.54
CA ALA B 15 -45.63 7.94 17.32
C ALA B 15 -44.94 7.66 18.65
N GLU B 16 -45.02 8.59 19.59
CA GLU B 16 -44.46 8.35 20.92
C GLU B 16 -45.17 7.18 21.61
N GLN B 17 -46.49 7.09 21.43
CA GLN B 17 -47.25 6.00 22.04
C GLN B 17 -46.81 4.65 21.49
N LEU B 18 -46.64 4.55 20.17
CA LEU B 18 -46.16 3.29 19.60
C LEU B 18 -44.71 3.00 20.00
N LYS B 19 -43.88 4.04 20.16
CA LYS B 19 -42.54 3.79 20.67
C LYS B 19 -42.58 3.20 22.08
N ASN B 20 -43.44 3.75 22.95
CA ASN B 20 -43.57 3.21 24.29
C ASN B 20 -44.13 1.78 24.26
N GLN B 21 -45.08 1.53 23.36
CA GLN B 21 -45.63 0.19 23.22
C GLN B 21 -44.57 -0.81 22.79
N ILE B 22 -43.72 -0.42 21.84
CA ILE B 22 -42.62 -1.28 21.40
C ILE B 22 -41.66 -1.53 22.56
N ARG B 23 -41.33 -0.49 23.31
CA ARG B 23 -40.43 -0.66 24.45
C ARG B 23 -41.01 -1.64 25.46
N ASP B 24 -42.29 -1.53 25.77
CA ASP B 24 -42.92 -2.44 26.72
C ASP B 24 -43.04 -3.85 26.16
N ALA B 25 -43.26 -3.98 24.85
CA ALA B 25 -43.43 -5.30 24.25
C ALA B 25 -42.11 -6.06 24.19
N ARG B 26 -41.00 -5.37 23.88
CA ARG B 26 -39.70 -6.02 23.90
C ARG B 26 -39.07 -6.01 25.28
N LYS B 27 -39.69 -5.34 26.26
CA LYS B 27 -39.24 -5.45 27.64
C LYS B 27 -39.85 -6.66 28.33
N ALA B 28 -41.07 -7.03 27.97
CA ALA B 28 -41.72 -8.18 28.57
C ALA B 28 -40.99 -9.48 28.25
N CYS B 29 -40.44 -9.59 27.05
CA CYS B 29 -39.78 -10.82 26.62
C CYS B 29 -38.42 -11.03 27.27
N ALA B 30 -37.89 -10.04 27.99
CA ALA B 30 -36.56 -10.16 28.57
C ALA B 30 -36.56 -11.09 29.77
N ASP B 31 -36.64 -12.40 29.53
CA ASP B 31 -36.62 -13.37 30.61
C ASP B 31 -35.31 -13.31 31.38
N ALA B 32 -34.19 -13.40 30.67
CA ALA B 32 -32.87 -13.43 31.31
C ALA B 32 -31.83 -12.99 30.29
N THR B 33 -30.83 -12.27 30.76
CA THR B 33 -29.74 -11.84 29.89
C THR B 33 -28.95 -13.04 29.38
N LEU B 34 -28.35 -12.88 28.20
CA LEU B 34 -27.55 -13.96 27.64
C LEU B 34 -26.34 -14.28 28.51
N SER B 35 -25.81 -13.27 29.22
CA SER B 35 -24.69 -13.52 30.14
C SER B 35 -25.10 -14.46 31.26
N GLN B 36 -26.31 -14.30 31.79
CA GLN B 36 -26.80 -15.20 32.82
C GLN B 36 -26.89 -16.63 32.33
N ILE B 37 -27.35 -16.82 31.10
CA ILE B 37 -27.45 -18.16 30.53
C ILE B 37 -26.07 -18.75 30.27
N THR B 38 -25.13 -17.91 29.83
CA THR B 38 -23.84 -18.38 29.34
C THR B 38 -22.78 -18.48 30.44
N ASN B 39 -23.04 -17.95 31.64
CA ASN B 39 -22.03 -18.00 32.69
C ASN B 39 -21.63 -19.42 33.08
N ASN B 40 -22.46 -20.42 32.76
CA ASN B 40 -22.18 -21.78 33.20
C ASN B 40 -21.19 -22.52 32.30
N ILE B 41 -20.91 -22.03 31.09
CA ILE B 41 -20.02 -22.74 30.19
C ILE B 41 -18.61 -22.18 30.32
N ASP B 42 -17.64 -22.98 29.93
CA ASP B 42 -16.23 -22.67 30.10
C ASP B 42 -15.79 -21.61 29.08
N PRO B 43 -14.92 -20.69 29.48
CA PRO B 43 -14.43 -19.68 28.54
C PRO B 43 -13.44 -20.27 27.56
N VAL B 44 -13.27 -19.56 26.44
CA VAL B 44 -12.39 -20.03 25.38
C VAL B 44 -10.92 -19.81 25.67
N GLY B 45 -10.60 -19.04 26.71
CA GLY B 45 -9.21 -18.83 27.08
C GLY B 45 -8.49 -17.89 26.14
N ARG B 46 -7.25 -17.59 26.49
CA ARG B 46 -6.43 -16.68 25.69
C ARG B 46 -6.13 -17.32 24.34
N ILE B 47 -6.27 -16.51 23.28
CA ILE B 47 -6.07 -16.98 21.91
C ILE B 47 -4.89 -16.22 21.31
N GLN B 48 -3.86 -16.95 20.92
CA GLN B 48 -2.70 -16.36 20.26
C GLN B 48 -2.94 -16.35 18.75
N MET B 49 -2.80 -15.17 18.15
CA MET B 49 -2.86 -15.02 16.70
C MET B 49 -1.63 -14.23 16.25
N ARG B 50 -0.96 -14.74 15.21
CA ARG B 50 0.28 -14.16 14.73
C ARG B 50 0.16 -13.82 13.25
N THR B 51 0.91 -12.82 12.82
CA THR B 51 0.84 -12.39 11.42
C THR B 51 1.49 -13.43 10.52
N ARG B 52 0.68 -14.35 9.98
CA ARG B 52 1.21 -15.34 9.07
C ARG B 52 1.76 -14.70 7.81
N ARG B 53 1.02 -13.75 7.24
CA ARG B 53 1.45 -13.03 6.05
C ARG B 53 1.20 -11.54 6.24
N THR B 54 2.05 -10.73 5.62
CA THR B 54 1.83 -9.30 5.53
C THR B 54 1.89 -8.90 4.07
N LEU B 55 0.86 -8.21 3.60
CA LEU B 55 0.72 -7.85 2.20
C LEU B 55 1.02 -6.37 2.05
N ARG B 56 2.19 -6.05 1.50
CA ARG B 56 2.70 -4.69 1.46
C ARG B 56 2.85 -4.24 0.01
N GLY B 57 1.79 -3.67 -0.54
CA GLY B 57 1.88 -3.06 -1.86
C GLY B 57 1.15 -1.73 -1.95
N HIS B 58 0.42 -1.36 -0.90
CA HIS B 58 -0.34 -0.13 -0.89
C HIS B 58 0.51 1.00 -0.33
N LEU B 59 0.45 2.16 -0.98
CA LEU B 59 1.25 3.30 -0.56
C LEU B 59 0.47 4.33 0.25
N ALA B 60 -0.85 4.21 0.31
CA ALA B 60 -1.69 5.08 1.11
C ALA B 60 -2.52 4.25 2.08
N LYS B 61 -3.39 4.92 2.82
CA LYS B 61 -4.19 4.26 3.84
C LYS B 61 -5.29 3.42 3.22
N ILE B 62 -5.56 2.26 3.82
CA ILE B 62 -6.51 1.29 3.31
C ILE B 62 -7.84 1.47 4.02
N TYR B 63 -8.91 1.63 3.25
CA TYR B 63 -10.24 1.82 3.82
C TYR B 63 -11.17 0.62 3.69
N ALA B 64 -10.78 -0.44 3.01
CA ALA B 64 -11.68 -1.56 2.85
C ALA B 64 -10.91 -2.79 2.40
N MET B 65 -11.59 -3.92 2.47
CA MET B 65 -11.10 -5.19 1.96
C MET B 65 -12.27 -6.17 1.95
N HIS B 66 -12.07 -7.29 1.26
CA HIS B 66 -13.10 -8.31 1.16
C HIS B 66 -12.49 -9.60 0.66
N TRP B 67 -12.88 -10.71 1.28
CA TRP B 67 -12.39 -12.02 0.88
C TRP B 67 -13.25 -12.60 -0.23
N GLY B 68 -12.63 -13.40 -1.10
CA GLY B 68 -13.38 -14.20 -2.02
C GLY B 68 -14.05 -15.38 -1.32
N THR B 69 -15.04 -15.96 -2.01
CA THR B 69 -15.69 -17.14 -1.44
C THR B 69 -14.81 -18.38 -1.47
N ASP B 70 -13.71 -18.36 -2.22
CA ASP B 70 -12.74 -19.43 -2.16
C ASP B 70 -11.77 -19.28 -0.99
N SER B 71 -11.88 -18.19 -0.24
CA SER B 71 -11.09 -17.95 0.96
C SER B 71 -9.60 -17.91 0.68
N ARG B 72 -9.23 -17.56 -0.55
CA ARG B 72 -7.81 -17.40 -0.89
C ARG B 72 -7.48 -16.03 -1.44
N LEU B 73 -8.32 -15.47 -2.30
CA LEU B 73 -8.08 -14.15 -2.85
C LEU B 73 -8.82 -13.09 -2.04
N LEU B 74 -8.25 -11.89 -1.99
CA LEU B 74 -8.90 -10.78 -1.33
C LEU B 74 -8.58 -9.50 -2.09
N VAL B 75 -9.54 -8.60 -2.14
CA VAL B 75 -9.39 -7.31 -2.80
C VAL B 75 -9.27 -6.23 -1.74
N SER B 76 -8.36 -5.29 -1.94
CA SER B 76 -8.11 -4.24 -0.97
C SER B 76 -8.08 -2.90 -1.68
N ALA B 77 -8.77 -1.92 -1.10
CA ALA B 77 -8.92 -0.59 -1.70
C ALA B 77 -8.29 0.45 -0.79
N SER B 78 -7.40 1.27 -1.34
CA SER B 78 -6.75 2.32 -0.59
C SER B 78 -6.94 3.65 -1.30
N GLN B 79 -6.49 4.72 -0.64
CA GLN B 79 -6.64 6.07 -1.19
C GLN B 79 -5.64 6.41 -2.26
N ASP B 80 -4.69 5.52 -2.58
CA ASP B 80 -3.66 5.82 -3.61
C ASP B 80 -4.24 5.60 -5.00
N GLY B 81 -5.56 5.36 -5.11
CA GLY B 81 -6.17 5.07 -6.40
C GLY B 81 -5.80 3.71 -6.96
N LYS B 82 -5.80 2.68 -6.13
CA LYS B 82 -5.50 1.32 -6.58
C LYS B 82 -6.45 0.35 -5.89
N LEU B 83 -6.79 -0.71 -6.61
CA LEU B 83 -7.65 -1.78 -6.09
C LEU B 83 -6.92 -3.09 -6.36
N ILE B 84 -6.03 -3.48 -5.46
CA ILE B 84 -5.17 -4.63 -5.64
C ILE B 84 -5.93 -5.88 -5.22
N ILE B 85 -5.67 -6.99 -5.89
CA ILE B 85 -6.26 -8.29 -5.56
C ILE B 85 -5.11 -9.22 -5.23
N TRP B 86 -5.06 -9.69 -3.99
CA TRP B 86 -3.95 -10.49 -3.51
C TRP B 86 -4.30 -11.97 -3.49
N ASP B 87 -3.30 -12.79 -3.76
CA ASP B 87 -3.36 -14.22 -3.47
C ASP B 87 -2.74 -14.42 -2.10
N SER B 88 -3.61 -14.57 -1.09
CA SER B 88 -3.14 -14.52 0.30
C SER B 88 -2.19 -15.66 0.63
N TYR B 89 -2.33 -16.80 -0.04
CA TYR B 89 -1.47 -17.95 0.29
C TYR B 89 -0.02 -17.67 -0.03
N THR B 90 0.25 -17.00 -1.16
CA THR B 90 1.62 -16.78 -1.62
C THR B 90 1.96 -15.30 -1.77
N THR B 91 1.11 -14.40 -1.28
CA THR B 91 1.41 -12.97 -1.20
C THR B 91 1.50 -12.31 -2.58
N ASN B 92 1.37 -13.09 -3.64
CA ASN B 92 1.42 -12.51 -4.98
C ASN B 92 0.22 -11.59 -5.21
N LYS B 93 0.42 -10.59 -6.06
CA LYS B 93 -0.66 -9.71 -6.48
C LYS B 93 -1.22 -10.24 -7.79
N VAL B 94 -2.54 -10.46 -7.82
CA VAL B 94 -3.16 -11.00 -9.03
C VAL B 94 -3.51 -9.87 -9.99
N HIS B 95 -4.05 -8.77 -9.48
CA HIS B 95 -4.41 -7.63 -10.30
C HIS B 95 -4.12 -6.36 -9.52
N ALA B 96 -3.99 -5.26 -10.26
CA ALA B 96 -3.81 -3.93 -9.67
C ALA B 96 -4.61 -2.96 -10.53
N ILE B 97 -5.84 -2.68 -10.10
CA ILE B 97 -6.78 -1.92 -10.91
C ILE B 97 -6.61 -0.43 -10.61
N PRO B 98 -6.31 0.40 -11.61
CA PRO B 98 -6.27 1.85 -11.37
C PRO B 98 -7.68 2.42 -11.36
N LEU B 99 -8.00 3.15 -10.30
CA LEU B 99 -9.36 3.62 -10.07
C LEU B 99 -9.58 4.98 -10.72
N ARG B 100 -10.84 5.25 -11.07
CA ARG B 100 -11.19 6.54 -11.67
C ARG B 100 -10.92 7.68 -10.70
N SER B 101 -11.37 7.54 -9.46
CA SER B 101 -11.15 8.54 -8.42
C SER B 101 -10.46 7.89 -7.24
N SER B 102 -9.39 8.51 -6.75
CA SER B 102 -8.59 7.95 -5.69
C SER B 102 -9.23 8.09 -4.30
N TRP B 103 -10.48 8.52 -4.23
CA TRP B 103 -11.18 8.71 -2.97
C TRP B 103 -12.16 7.55 -2.81
N VAL B 104 -11.68 6.47 -2.21
CA VAL B 104 -12.40 5.21 -2.15
C VAL B 104 -12.61 4.83 -0.69
N MET B 105 -13.87 4.54 -0.33
CA MET B 105 -14.21 4.19 1.04
C MET B 105 -14.75 2.77 1.18
N THR B 106 -14.81 1.99 0.11
CA THR B 106 -15.33 0.64 0.20
C THR B 106 -14.88 -0.17 -1.00
N CYS B 107 -15.07 -1.49 -0.91
CA CYS B 107 -14.84 -2.41 -2.01
C CYS B 107 -15.55 -3.71 -1.69
N ALA B 108 -15.92 -4.45 -2.73
CA ALA B 108 -16.62 -5.71 -2.57
C ALA B 108 -16.14 -6.67 -3.65
N TYR B 109 -15.96 -7.93 -3.29
CA TYR B 109 -15.47 -8.94 -4.21
C TYR B 109 -16.59 -9.95 -4.41
N ALA B 110 -17.01 -10.14 -5.65
CA ALA B 110 -18.25 -10.85 -5.93
C ALA B 110 -18.16 -12.30 -5.47
N PRO B 111 -19.30 -12.91 -5.10
CA PRO B 111 -19.26 -14.31 -4.63
C PRO B 111 -18.72 -15.27 -5.67
N SER B 112 -19.02 -15.05 -6.94
CA SER B 112 -18.53 -15.92 -7.99
C SER B 112 -17.07 -15.64 -8.34
N GLY B 113 -16.53 -14.51 -7.91
CA GLY B 113 -15.16 -14.14 -8.23
C GLY B 113 -14.99 -13.43 -9.54
N ASN B 114 -16.06 -13.27 -10.33
CA ASN B 114 -15.93 -12.63 -11.63
C ASN B 114 -15.77 -11.12 -11.49
N TYR B 115 -16.52 -10.50 -10.58
CA TYR B 115 -16.58 -9.05 -10.51
C TYR B 115 -16.00 -8.53 -9.20
N VAL B 116 -15.61 -7.25 -9.23
CA VAL B 116 -15.24 -6.49 -8.05
C VAL B 116 -15.99 -5.18 -8.12
N ALA B 117 -16.28 -4.61 -6.95
CA ALA B 117 -16.96 -3.33 -6.86
C ALA B 117 -16.12 -2.36 -6.04
N CYS B 118 -16.32 -1.07 -6.29
CA CYS B 118 -15.52 -0.05 -5.62
C CYS B 118 -16.24 1.27 -5.70
N GLY B 119 -16.31 1.97 -4.57
CA GLY B 119 -16.99 3.26 -4.51
C GLY B 119 -16.34 4.15 -3.47
N GLY B 120 -16.82 5.38 -3.40
CA GLY B 120 -16.27 6.33 -2.46
C GLY B 120 -16.90 7.71 -2.51
N LEU B 121 -16.07 8.75 -2.42
CA LEU B 121 -16.55 10.12 -2.38
C LEU B 121 -17.15 10.58 -3.70
N ASP B 122 -16.98 9.83 -4.79
CA ASP B 122 -17.50 10.21 -6.08
C ASP B 122 -18.96 9.83 -6.28
N ASN B 123 -19.59 9.22 -5.28
CA ASN B 123 -21.00 8.82 -5.30
C ASN B 123 -21.32 7.82 -6.40
N ILE B 124 -20.33 7.04 -6.85
CA ILE B 124 -20.53 6.10 -7.95
C ILE B 124 -19.97 4.75 -7.55
N CYS B 125 -20.78 3.70 -7.71
CA CYS B 125 -20.36 2.33 -7.46
C CYS B 125 -19.90 1.74 -8.79
N SER B 126 -18.60 1.84 -9.05
CA SER B 126 -18.02 1.35 -10.29
C SER B 126 -17.53 -0.08 -10.11
N ILE B 127 -18.10 -0.99 -10.88
CA ILE B 127 -17.81 -2.42 -10.76
C ILE B 127 -16.87 -2.81 -11.89
N TYR B 128 -15.93 -3.70 -11.60
CA TYR B 128 -14.88 -4.10 -12.52
C TYR B 128 -15.03 -5.57 -12.89
N ASN B 129 -14.71 -5.89 -14.14
CA ASN B 129 -14.86 -7.24 -14.67
C ASN B 129 -13.49 -7.90 -14.75
N LEU B 130 -13.26 -8.90 -13.90
CA LEU B 130 -11.96 -9.58 -13.86
C LEU B 130 -11.82 -10.64 -14.93
N LYS B 131 -12.63 -11.69 -14.85
CA LYS B 131 -12.48 -12.86 -15.71
C LYS B 131 -13.07 -12.53 -17.08
N THR B 132 -12.22 -11.96 -17.94
CA THR B 132 -12.62 -11.61 -19.29
C THR B 132 -11.46 -11.86 -20.23
N ARG B 133 -11.78 -11.99 -21.52
CA ARG B 133 -10.75 -11.95 -22.53
C ARG B 133 -10.05 -10.59 -22.50
N GLU B 134 -8.95 -10.49 -23.24
CA GLU B 134 -8.07 -9.34 -23.34
C GLU B 134 -7.15 -9.21 -22.13
N GLY B 135 -7.32 -10.04 -21.10
CA GLY B 135 -6.37 -10.11 -20.01
C GLY B 135 -6.22 -8.86 -19.16
N ASN B 136 -7.14 -7.92 -19.28
CA ASN B 136 -7.11 -6.70 -18.48
C ASN B 136 -8.43 -6.55 -17.74
N VAL B 137 -8.38 -5.81 -16.63
CA VAL B 137 -9.55 -5.55 -15.81
C VAL B 137 -10.23 -4.30 -16.35
N ARG B 138 -11.46 -4.45 -16.82
CA ARG B 138 -12.19 -3.40 -17.50
C ARG B 138 -13.45 -3.05 -16.74
N VAL B 139 -13.75 -1.75 -16.66
CA VAL B 139 -14.92 -1.27 -15.92
C VAL B 139 -16.18 -1.80 -16.59
N SER B 140 -16.88 -2.69 -15.90
CA SER B 140 -18.10 -3.27 -16.46
C SER B 140 -19.26 -2.28 -16.45
N ARG B 141 -19.40 -1.53 -15.36
CA ARG B 141 -20.52 -0.60 -15.23
C ARG B 141 -20.19 0.41 -14.14
N GLU B 142 -20.80 1.59 -14.26
CA GLU B 142 -20.65 2.67 -13.28
C GLU B 142 -22.05 3.04 -12.78
N LEU B 143 -22.41 2.54 -11.61
CA LEU B 143 -23.75 2.75 -11.08
C LEU B 143 -23.85 4.10 -10.41
N ALA B 144 -24.58 5.02 -11.04
CA ALA B 144 -24.77 6.37 -10.54
C ALA B 144 -26.22 6.56 -10.11
N GLY B 145 -26.43 7.49 -9.19
CA GLY B 145 -27.76 7.75 -8.67
C GLY B 145 -27.77 8.11 -7.20
N HIS B 146 -26.70 7.76 -6.49
CA HIS B 146 -26.56 8.19 -5.10
C HIS B 146 -26.16 9.67 -5.06
N THR B 147 -26.73 10.40 -4.11
CA THR B 147 -26.40 11.80 -3.90
C THR B 147 -25.44 12.00 -2.74
N GLY B 148 -24.79 10.95 -2.27
CA GLY B 148 -23.82 11.05 -1.20
C GLY B 148 -22.80 9.94 -1.31
N TYR B 149 -21.70 10.11 -0.57
CA TYR B 149 -20.60 9.16 -0.63
C TYR B 149 -21.07 7.77 -0.26
N LEU B 150 -20.62 6.77 -1.03
CA LEU B 150 -20.91 5.39 -0.70
C LEU B 150 -20.04 4.93 0.47
N SER B 151 -20.64 4.15 1.37
CA SER B 151 -19.93 3.65 2.53
C SER B 151 -19.70 2.15 2.50
N CYS B 152 -20.52 1.39 1.79
CA CYS B 152 -20.35 -0.05 1.73
C CYS B 152 -21.12 -0.59 0.54
N CYS B 153 -20.57 -1.63 -0.09
CA CYS B 153 -21.20 -2.31 -1.20
C CYS B 153 -21.09 -3.81 -0.98
N ARG B 154 -22.14 -4.53 -1.30
CA ARG B 154 -22.15 -5.98 -1.14
C ARG B 154 -22.90 -6.60 -2.32
N PHE B 155 -22.33 -7.68 -2.87
CA PHE B 155 -22.92 -8.35 -4.01
C PHE B 155 -23.93 -9.39 -3.53
N LEU B 156 -25.16 -9.30 -4.05
CA LEU B 156 -26.09 -10.41 -3.89
C LEU B 156 -25.69 -11.57 -4.77
N ASP B 157 -25.38 -11.29 -6.02
CA ASP B 157 -24.81 -12.24 -6.97
C ASP B 157 -24.12 -11.44 -8.06
N ASP B 158 -23.78 -12.10 -9.16
CA ASP B 158 -23.22 -11.38 -10.30
C ASP B 158 -24.22 -10.41 -10.93
N ASN B 159 -25.50 -10.53 -10.59
CA ASN B 159 -26.57 -9.76 -11.19
C ASN B 159 -26.90 -8.48 -10.44
N GLN B 160 -26.94 -8.52 -9.11
CA GLN B 160 -27.42 -7.41 -8.31
C GLN B 160 -26.36 -7.00 -7.29
N ILE B 161 -26.54 -5.80 -6.74
CA ILE B 161 -25.63 -5.26 -5.74
C ILE B 161 -26.41 -4.25 -4.90
N VAL B 162 -26.11 -4.21 -3.60
CA VAL B 162 -26.74 -3.28 -2.67
C VAL B 162 -25.66 -2.32 -2.16
N THR B 163 -25.93 -1.04 -2.26
CA THR B 163 -25.04 -0.01 -1.77
C THR B 163 -25.68 0.72 -0.60
N SER B 164 -24.86 1.47 0.12
CA SER B 164 -25.32 2.27 1.26
C SER B 164 -24.52 3.57 1.25
N SER B 165 -25.17 4.65 0.85
CA SER B 165 -24.49 5.93 0.66
C SER B 165 -24.73 6.83 1.86
N GLY B 166 -24.14 8.02 1.80
CA GLY B 166 -24.29 9.02 2.83
C GLY B 166 -25.51 9.90 2.68
N ASP B 167 -26.37 9.61 1.71
CA ASP B 167 -27.63 10.30 1.56
C ASP B 167 -28.74 9.67 2.38
N THR B 168 -28.38 8.92 3.44
CA THR B 168 -29.30 8.31 4.39
C THR B 168 -30.18 7.24 3.77
N THR B 169 -29.81 6.72 2.59
CA THR B 169 -30.58 5.67 1.94
C THR B 169 -29.66 4.57 1.44
N CYS B 170 -30.18 3.35 1.46
CA CYS B 170 -29.58 2.21 0.80
C CYS B 170 -30.37 1.89 -0.46
N ALA B 171 -29.69 1.32 -1.45
CA ALA B 171 -30.32 1.05 -2.73
C ALA B 171 -29.91 -0.32 -3.23
N LEU B 172 -30.75 -0.90 -4.08
CA LEU B 172 -30.46 -2.17 -4.74
C LEU B 172 -30.44 -1.93 -6.23
N TRP B 173 -29.37 -2.35 -6.89
CA TRP B 173 -29.15 -2.06 -8.30
C TRP B 173 -29.33 -3.29 -9.16
N ASP B 174 -29.64 -3.05 -10.43
CA ASP B 174 -29.61 -4.06 -11.48
C ASP B 174 -28.42 -3.72 -12.37
N ILE B 175 -27.36 -4.51 -12.26
CA ILE B 175 -26.08 -4.14 -12.86
C ILE B 175 -26.19 -4.04 -14.38
N GLU B 176 -26.87 -4.99 -15.01
CA GLU B 176 -26.97 -5.00 -16.47
C GLU B 176 -27.70 -3.76 -16.97
N THR B 177 -28.83 -3.43 -16.34
CA THR B 177 -29.56 -2.23 -16.71
C THR B 177 -28.94 -0.96 -16.14
N GLY B 178 -28.34 -1.06 -14.96
CA GLY B 178 -27.72 0.09 -14.32
C GLY B 178 -28.66 0.95 -13.50
N GLN B 179 -29.94 0.60 -13.42
CA GLN B 179 -30.94 1.40 -12.73
C GLN B 179 -31.37 0.73 -11.45
N GLN B 180 -31.61 1.54 -10.42
CA GLN B 180 -32.08 1.03 -9.14
C GLN B 180 -33.41 0.32 -9.31
N THR B 181 -33.51 -0.88 -8.72
CA THR B 181 -34.78 -1.58 -8.68
C THR B 181 -35.52 -1.41 -7.36
N THR B 182 -34.80 -1.11 -6.28
CA THR B 182 -35.41 -0.89 -4.98
C THR B 182 -34.56 0.13 -4.23
N THR B 183 -35.22 0.97 -3.45
CA THR B 183 -34.55 1.97 -2.63
C THR B 183 -35.07 1.88 -1.20
N PHE B 184 -34.15 1.98 -0.25
CA PHE B 184 -34.48 1.85 1.18
C PHE B 184 -34.25 3.19 1.85
N THR B 185 -35.33 3.93 2.08
CA THR B 185 -35.28 5.27 2.68
C THR B 185 -36.01 5.22 4.01
N GLY B 186 -35.29 4.84 5.07
CA GLY B 186 -35.86 4.89 6.40
C GLY B 186 -34.93 5.50 7.43
N HIS B 187 -33.66 5.68 7.05
CA HIS B 187 -32.68 6.21 7.96
C HIS B 187 -32.77 7.74 8.04
N THR B 188 -32.18 8.29 9.09
CA THR B 188 -32.10 9.74 9.26
C THR B 188 -30.67 10.24 9.32
N GLY B 189 -29.67 9.36 9.17
CA GLY B 189 -28.28 9.77 9.15
C GLY B 189 -27.53 8.99 8.10
N ASP B 190 -26.23 9.29 8.00
CA ASP B 190 -25.40 8.63 7.01
C ASP B 190 -25.34 7.13 7.30
N VAL B 191 -25.51 6.32 6.26
CA VAL B 191 -25.48 4.87 6.39
C VAL B 191 -24.03 4.44 6.19
N MET B 192 -23.35 4.16 7.31
CA MET B 192 -21.92 3.93 7.28
C MET B 192 -21.52 2.47 7.12
N SER B 193 -22.48 1.55 7.06
CA SER B 193 -22.15 0.14 6.94
C SER B 193 -23.35 -0.62 6.41
N LEU B 194 -23.14 -1.91 6.15
CA LEU B 194 -24.12 -2.77 5.50
C LEU B 194 -23.63 -4.20 5.57
N SER B 195 -24.54 -5.14 5.79
CA SER B 195 -24.15 -6.54 5.91
C SER B 195 -25.28 -7.44 5.43
N LEU B 196 -24.96 -8.37 4.53
CA LEU B 196 -25.93 -9.30 3.98
C LEU B 196 -26.04 -10.56 4.82
N ALA B 197 -27.27 -11.01 5.05
CA ALA B 197 -27.49 -12.28 5.71
C ALA B 197 -26.96 -13.40 4.83
N PRO B 198 -26.62 -14.54 5.43
CA PRO B 198 -26.07 -15.65 4.62
C PRO B 198 -26.97 -16.11 3.50
N ASP B 199 -28.29 -15.98 3.65
CA ASP B 199 -29.22 -16.35 2.59
C ASP B 199 -29.51 -15.22 1.62
N THR B 200 -29.04 -14.00 1.90
CA THR B 200 -29.16 -12.85 1.00
C THR B 200 -30.61 -12.57 0.61
N ARG B 201 -31.53 -12.78 1.56
CA ARG B 201 -32.90 -12.34 1.41
C ARG B 201 -33.25 -11.14 2.28
N LEU B 202 -32.30 -10.67 3.09
CA LEU B 202 -32.48 -9.56 4.00
C LEU B 202 -31.12 -9.13 4.52
N PHE B 203 -30.96 -7.83 4.76
CA PHE B 203 -29.68 -7.27 5.19
C PHE B 203 -29.94 -6.21 6.25
N VAL B 204 -28.85 -5.70 6.84
CA VAL B 204 -28.91 -4.71 7.90
C VAL B 204 -27.97 -3.57 7.55
N SER B 205 -28.38 -2.35 7.90
CA SER B 205 -27.60 -1.15 7.63
C SER B 205 -27.44 -0.36 8.92
N GLY B 206 -26.19 -0.02 9.26
CA GLY B 206 -25.88 0.77 10.44
C GLY B 206 -25.67 2.22 10.04
N ALA B 207 -26.46 3.10 10.64
CA ALA B 207 -26.47 4.52 10.30
C ALA B 207 -25.79 5.33 11.41
N CYS B 208 -25.65 6.63 11.15
CA CYS B 208 -25.13 7.55 12.13
C CYS B 208 -26.18 8.06 13.11
N ASP B 209 -27.44 7.65 12.95
CA ASP B 209 -28.46 7.97 13.93
C ASP B 209 -28.46 7.01 15.11
N ALA B 210 -27.39 6.24 15.27
CA ALA B 210 -27.25 5.28 16.37
C ALA B 210 -28.38 4.27 16.38
N SER B 211 -28.67 3.70 15.21
CA SER B 211 -29.75 2.72 15.08
C SER B 211 -29.55 1.93 13.81
N ALA B 212 -29.40 0.61 13.95
CA ALA B 212 -29.43 -0.27 12.79
C ALA B 212 -30.86 -0.52 12.35
N LYS B 213 -31.00 -1.15 11.20
CA LYS B 213 -32.31 -1.52 10.66
C LYS B 213 -32.22 -2.86 9.98
N LEU B 214 -33.35 -3.53 9.84
CA LEU B 214 -33.44 -4.84 9.19
C LEU B 214 -34.28 -4.68 7.94
N TRP B 215 -33.62 -4.66 6.78
CA TRP B 215 -34.29 -4.43 5.51
C TRP B 215 -34.69 -5.74 4.86
N ASP B 216 -35.59 -5.64 3.89
CA ASP B 216 -36.02 -6.76 3.07
C ASP B 216 -35.75 -6.44 1.62
N VAL B 217 -34.85 -7.20 0.99
CA VAL B 217 -34.46 -6.90 -0.39
C VAL B 217 -35.61 -7.17 -1.35
N ARG B 218 -36.50 -8.10 -1.02
CA ARG B 218 -37.60 -8.44 -1.92
C ARG B 218 -38.61 -7.30 -2.01
N GLU B 219 -39.03 -6.77 -0.86
CA GLU B 219 -40.03 -5.70 -0.85
C GLU B 219 -39.37 -4.32 -0.85
N GLY B 220 -38.55 -4.05 0.16
CA GLY B 220 -37.94 -2.74 0.29
C GLY B 220 -38.41 -2.02 1.54
N MET B 221 -38.76 -2.79 2.56
CA MET B 221 -39.33 -2.25 3.79
C MET B 221 -38.45 -2.62 4.98
N CYS B 222 -38.30 -1.68 5.90
CA CYS B 222 -37.54 -1.93 7.13
C CYS B 222 -38.40 -2.75 8.08
N ARG B 223 -38.04 -4.03 8.26
CA ARG B 223 -38.85 -4.90 9.11
C ARG B 223 -38.73 -4.49 10.57
N GLN B 224 -37.50 -4.29 11.06
CA GLN B 224 -37.27 -3.98 12.46
C GLN B 224 -36.17 -2.93 12.57
N THR B 225 -36.21 -2.17 13.66
CA THR B 225 -35.21 -1.15 13.95
C THR B 225 -34.62 -1.41 15.33
N PHE B 226 -33.30 -1.41 15.42
CA PHE B 226 -32.58 -1.76 16.64
C PHE B 226 -31.83 -0.54 17.14
N THR B 227 -32.41 0.15 18.12
CA THR B 227 -31.74 1.24 18.81
C THR B 227 -31.00 0.71 20.03
N GLY B 228 -30.19 1.56 20.63
CA GLY B 228 -29.45 1.17 21.82
C GLY B 228 -28.05 1.73 21.89
N HIS B 229 -27.58 2.36 20.81
CA HIS B 229 -26.26 2.95 20.80
C HIS B 229 -26.33 4.41 21.25
N GLU B 230 -25.16 4.97 21.54
CA GLU B 230 -25.04 6.36 21.94
C GLU B 230 -24.30 7.22 20.93
N SER B 231 -23.88 6.65 19.80
CA SER B 231 -23.11 7.39 18.81
C SER B 231 -23.26 6.68 17.46
N ASP B 232 -22.52 7.16 16.46
CA ASP B 232 -22.64 6.64 15.11
C ASP B 232 -22.22 5.18 15.05
N ILE B 233 -22.93 4.40 14.22
CA ILE B 233 -22.60 3.00 14.01
C ILE B 233 -21.69 2.90 12.79
N ASN B 234 -20.47 2.43 13.00
CA ASN B 234 -19.46 2.37 11.95
C ASN B 234 -19.38 1.02 11.26
N ALA B 235 -19.83 -0.05 11.90
CA ALA B 235 -19.68 -1.38 11.33
C ALA B 235 -20.81 -2.27 11.81
N ILE B 236 -21.03 -3.36 11.07
CA ILE B 236 -22.11 -4.30 11.37
C ILE B 236 -21.78 -5.61 10.67
N CYS B 237 -22.25 -6.72 11.25
CA CYS B 237 -21.94 -8.04 10.70
C CYS B 237 -22.94 -9.04 11.25
N PHE B 238 -23.61 -9.77 10.36
CA PHE B 238 -24.53 -10.82 10.77
C PHE B 238 -23.81 -11.95 11.49
N PHE B 239 -24.47 -12.49 12.51
CA PHE B 239 -24.06 -13.76 13.09
C PHE B 239 -24.13 -14.84 12.01
N PRO B 240 -23.22 -15.81 12.01
CA PRO B 240 -23.26 -16.85 10.96
C PRO B 240 -24.57 -17.61 10.93
N ASN B 241 -25.26 -17.72 12.07
CA ASN B 241 -26.57 -18.34 12.09
C ASN B 241 -27.57 -17.58 11.22
N GLY B 242 -27.35 -16.27 11.04
CA GLY B 242 -28.28 -15.45 10.31
C GLY B 242 -29.44 -14.92 11.12
N ASN B 243 -29.44 -15.12 12.43
CA ASN B 243 -30.51 -14.66 13.31
C ASN B 243 -30.05 -13.62 14.30
N ALA B 244 -28.86 -13.05 14.11
CA ALA B 244 -28.32 -12.05 15.03
C ALA B 244 -27.23 -11.28 14.31
N PHE B 245 -26.86 -10.14 14.89
CA PHE B 245 -25.75 -9.36 14.36
C PHE B 245 -25.15 -8.51 15.47
N ALA B 246 -23.95 -8.00 15.22
CA ALA B 246 -23.23 -7.17 16.17
C ALA B 246 -22.78 -5.90 15.47
N THR B 247 -22.92 -4.77 16.15
CA THR B 247 -22.64 -3.47 15.57
C THR B 247 -21.51 -2.79 16.32
N GLY B 248 -20.58 -2.19 15.59
CA GLY B 248 -19.55 -1.36 16.16
C GLY B 248 -19.96 0.09 16.09
N SER B 249 -19.42 0.91 16.99
CA SER B 249 -19.81 2.31 17.06
C SER B 249 -18.65 3.15 17.54
N ASP B 250 -18.86 4.46 17.55
CA ASP B 250 -17.82 5.41 17.96
C ASP B 250 -17.66 5.52 19.46
N ASP B 251 -18.58 4.95 20.24
CA ASP B 251 -18.50 5.00 21.70
C ASP B 251 -17.80 3.79 22.30
N ALA B 252 -16.89 3.17 21.54
CA ALA B 252 -16.08 2.05 22.02
C ALA B 252 -16.94 0.90 22.53
N THR B 253 -18.13 0.74 21.97
CA THR B 253 -19.09 -0.25 22.44
C THR B 253 -19.59 -1.06 21.26
N CYS B 254 -19.39 -2.38 21.32
CA CYS B 254 -19.93 -3.32 20.36
C CYS B 254 -20.98 -4.16 21.07
N ARG B 255 -22.18 -4.22 20.50
CA ARG B 255 -23.27 -4.96 21.12
C ARG B 255 -23.95 -5.87 20.10
N LEU B 256 -24.40 -7.02 20.58
CA LEU B 256 -24.96 -8.08 19.74
C LEU B 256 -26.49 -8.03 19.85
N PHE B 257 -27.14 -7.73 18.74
CA PHE B 257 -28.60 -7.72 18.68
C PHE B 257 -29.12 -9.09 18.26
N ASP B 258 -30.44 -9.22 18.22
CA ASP B 258 -31.09 -10.47 17.89
C ASP B 258 -32.39 -10.18 17.15
N LEU B 259 -32.53 -10.74 15.94
CA LEU B 259 -33.71 -10.45 15.13
C LEU B 259 -34.97 -11.05 15.73
N ARG B 260 -34.87 -12.26 16.30
CA ARG B 260 -36.07 -12.94 16.77
C ARG B 260 -36.60 -12.32 18.06
N ALA B 261 -35.72 -12.00 19.01
CA ALA B 261 -36.16 -11.33 20.22
C ALA B 261 -36.33 -9.83 20.02
N ASP B 262 -35.76 -9.27 18.96
CA ASP B 262 -35.90 -7.85 18.63
C ASP B 262 -35.33 -6.95 19.72
N GLN B 263 -34.25 -7.40 20.36
CA GLN B 263 -33.62 -6.62 21.42
C GLN B 263 -32.10 -6.75 21.26
N GLU B 264 -31.39 -6.31 22.30
CA GLU B 264 -29.94 -6.40 22.36
C GLU B 264 -29.58 -7.43 23.43
N LEU B 265 -28.76 -8.41 23.04
CA LEU B 265 -28.47 -9.51 23.95
C LEU B 265 -27.48 -9.10 25.03
N MET B 266 -26.28 -8.68 24.64
CA MET B 266 -25.36 -8.07 25.60
C MET B 266 -24.59 -6.96 24.91
N THR B 267 -23.58 -6.45 25.60
CA THR B 267 -22.70 -5.40 25.12
C THR B 267 -21.26 -5.78 25.43
N TYR B 268 -20.36 -5.50 24.48
CA TYR B 268 -18.94 -5.84 24.61
C TYR B 268 -18.18 -4.54 24.82
N SER B 269 -17.89 -4.22 26.07
CA SER B 269 -17.21 -2.97 26.40
C SER B 269 -16.26 -3.21 27.56
N HIS B 270 -15.28 -2.33 27.68
CA HIS B 270 -14.32 -2.39 28.76
C HIS B 270 -13.90 -0.96 29.11
N ASP B 271 -13.67 -0.71 30.40
CA ASP B 271 -13.38 0.65 30.84
C ASP B 271 -12.07 1.17 30.26
N ASN B 272 -11.12 0.28 30.00
CA ASN B 272 -9.85 0.70 29.40
C ASN B 272 -9.98 1.01 27.91
N ILE B 273 -11.13 0.74 27.31
CA ILE B 273 -11.37 0.98 25.89
C ILE B 273 -12.23 2.22 25.76
N ILE B 274 -11.69 3.26 25.12
CA ILE B 274 -12.42 4.50 24.90
C ILE B 274 -12.39 4.84 23.42
N CYS B 275 -11.64 4.06 22.64
CA CYS B 275 -11.52 4.28 21.21
C CYS B 275 -12.66 3.58 20.47
N GLY B 276 -13.23 4.27 19.49
CA GLY B 276 -14.35 3.73 18.75
C GLY B 276 -13.98 2.51 17.93
N ILE B 277 -14.99 1.93 17.30
CA ILE B 277 -14.85 0.69 16.54
C ILE B 277 -15.04 0.99 15.07
N THR B 278 -14.10 0.54 14.25
CA THR B 278 -14.14 0.77 12.82
C THR B 278 -14.57 -0.44 12.01
N SER B 279 -14.55 -1.63 12.60
CA SER B 279 -14.86 -2.85 11.86
C SER B 279 -15.24 -3.95 12.84
N VAL B 280 -16.18 -4.80 12.42
CA VAL B 280 -16.65 -5.92 13.23
C VAL B 280 -16.80 -7.13 12.32
N SER B 281 -16.41 -8.30 12.81
CA SER B 281 -16.63 -9.55 12.09
C SER B 281 -16.80 -10.68 13.10
N PHE B 282 -17.30 -11.80 12.60
CA PHE B 282 -17.54 -12.98 13.41
C PHE B 282 -16.65 -14.12 12.94
N SER B 283 -16.25 -14.98 13.87
CA SER B 283 -15.59 -16.22 13.51
C SER B 283 -16.59 -17.14 12.80
N LYS B 284 -16.07 -18.24 12.24
CA LYS B 284 -16.91 -19.11 11.42
C LYS B 284 -18.05 -19.70 12.24
N SER B 285 -17.76 -20.14 13.47
CA SER B 285 -18.81 -20.66 14.33
C SER B 285 -19.55 -19.56 15.09
N GLY B 286 -19.06 -18.33 15.06
CA GLY B 286 -19.69 -17.23 15.76
C GLY B 286 -19.31 -17.10 17.22
N ARG B 287 -18.47 -17.99 17.75
CA ARG B 287 -18.08 -17.88 19.15
C ARG B 287 -17.22 -16.64 19.40
N LEU B 288 -16.30 -16.34 18.49
CA LEU B 288 -15.46 -15.16 18.64
C LEU B 288 -16.13 -13.96 17.97
N LEU B 289 -15.61 -12.78 18.29
CA LEU B 289 -16.10 -11.54 17.68
C LEU B 289 -14.91 -10.60 17.55
N LEU B 290 -14.28 -10.60 16.38
CA LEU B 290 -13.22 -9.64 16.11
C LEU B 290 -13.82 -8.25 16.00
N ALA B 291 -13.06 -7.24 16.43
CA ALA B 291 -13.54 -5.87 16.36
C ALA B 291 -12.34 -4.95 16.32
N GLY B 292 -12.21 -4.18 15.23
CA GLY B 292 -11.11 -3.25 15.08
C GLY B 292 -11.39 -1.95 15.80
N TYR B 293 -10.33 -1.32 16.29
CA TYR B 293 -10.43 -0.08 17.05
C TYR B 293 -9.54 0.99 16.44
N ASP B 294 -9.76 2.23 16.87
CA ASP B 294 -8.85 3.31 16.51
C ASP B 294 -7.53 3.22 17.27
N ASP B 295 -7.48 2.41 18.33
CA ASP B 295 -6.33 2.21 19.20
C ASP B 295 -5.23 1.37 18.53
N PHE B 296 -5.35 1.16 17.23
CA PHE B 296 -4.40 0.50 16.33
C PHE B 296 -4.43 -1.01 16.46
N ASN B 297 -5.26 -1.58 17.33
CA ASN B 297 -5.24 -3.03 17.55
C ASN B 297 -6.66 -3.57 17.59
N CYS B 298 -6.78 -4.86 17.30
CA CYS B 298 -8.04 -5.57 17.28
C CYS B 298 -8.25 -6.31 18.60
N ASN B 299 -9.49 -6.64 18.90
CA ASN B 299 -9.83 -7.36 20.12
C ASN B 299 -10.74 -8.54 19.78
N VAL B 300 -10.36 -9.72 20.25
CA VAL B 300 -11.10 -10.95 20.00
C VAL B 300 -12.05 -11.12 21.19
N TRP B 301 -13.22 -10.51 21.10
CA TRP B 301 -14.24 -10.68 22.13
C TRP B 301 -14.86 -12.07 22.06
N ASP B 302 -15.18 -12.61 23.22
CA ASP B 302 -15.97 -13.84 23.29
C ASP B 302 -17.43 -13.46 23.13
N ALA B 303 -18.04 -13.86 22.02
CA ALA B 303 -19.38 -13.40 21.67
C ALA B 303 -20.45 -13.87 22.64
N LEU B 304 -20.16 -14.82 23.52
CA LEU B 304 -21.14 -15.34 24.45
C LEU B 304 -20.87 -15.00 25.90
N LYS B 305 -19.61 -14.76 26.27
CA LYS B 305 -19.26 -14.44 27.64
C LYS B 305 -18.93 -12.98 27.86
N ALA B 306 -18.81 -12.18 26.79
CA ALA B 306 -18.48 -10.77 26.79
C ALA B 306 -17.04 -10.51 27.24
N ASP B 307 -16.31 -11.53 27.66
CA ASP B 307 -14.92 -11.37 28.06
C ASP B 307 -14.05 -11.24 26.82
N ARG B 308 -12.84 -10.72 27.03
CA ARG B 308 -11.86 -10.73 25.96
C ARG B 308 -11.24 -12.12 25.83
N ALA B 309 -10.60 -12.35 24.69
CA ALA B 309 -9.84 -13.58 24.49
C ALA B 309 -8.51 -13.34 23.79
N GLY B 310 -8.15 -12.11 23.51
CA GLY B 310 -6.88 -11.81 22.88
C GLY B 310 -6.87 -10.42 22.30
N VAL B 311 -5.70 -10.04 21.82
CA VAL B 311 -5.48 -8.75 21.15
C VAL B 311 -4.62 -9.01 19.92
N LEU B 312 -4.97 -8.35 18.83
CA LEU B 312 -4.22 -8.46 17.57
C LEU B 312 -3.54 -7.12 17.35
N ALA B 313 -2.35 -6.96 17.94
CA ALA B 313 -1.62 -5.69 17.92
C ALA B 313 -0.43 -5.82 16.99
N GLY B 314 -0.62 -5.41 15.73
CA GLY B 314 0.46 -5.41 14.78
C GLY B 314 0.44 -4.25 13.81
N HIS B 315 -0.45 -3.29 14.05
CA HIS B 315 -0.65 -2.18 13.12
C HIS B 315 -0.20 -0.87 13.77
N ASP B 316 0.20 0.08 12.94
CA ASP B 316 0.65 1.39 13.39
C ASP B 316 -0.39 2.48 13.22
N ASN B 317 -1.61 2.13 12.83
CA ASN B 317 -2.66 3.12 12.63
C ASN B 317 -4.00 2.43 12.74
N ARG B 318 -5.08 3.21 12.59
CA ARG B 318 -6.42 2.67 12.71
C ARG B 318 -6.61 1.49 11.76
N VAL B 319 -7.16 0.39 12.29
CA VAL B 319 -7.55 -0.74 11.47
C VAL B 319 -8.94 -0.42 10.90
N SER B 320 -8.97 0.12 9.68
CA SER B 320 -10.27 0.55 9.10
C SER B 320 -11.09 -0.64 8.62
N CYS B 321 -10.45 -1.74 8.27
CA CYS B 321 -11.16 -2.87 7.70
C CYS B 321 -10.70 -4.15 8.37
N LEU B 322 -11.55 -5.18 8.30
CA LEU B 322 -11.29 -6.43 8.98
C LEU B 322 -12.24 -7.48 8.40
N GLY B 323 -11.71 -8.67 8.14
CA GLY B 323 -12.53 -9.70 7.53
C GLY B 323 -12.07 -11.12 7.79
N VAL B 324 -13.02 -11.99 8.11
CA VAL B 324 -12.75 -13.41 8.35
C VAL B 324 -13.18 -14.19 7.11
N THR B 325 -12.32 -15.11 6.67
CA THR B 325 -12.62 -15.89 5.48
C THR B 325 -13.86 -16.74 5.70
N ASP B 326 -14.38 -17.29 4.60
CA ASP B 326 -15.59 -18.10 4.69
C ASP B 326 -15.33 -19.45 5.35
N ASP B 327 -14.10 -19.96 5.26
CA ASP B 327 -13.75 -21.19 5.94
C ASP B 327 -13.17 -20.94 7.34
N GLY B 328 -13.07 -19.68 7.76
CA GLY B 328 -12.63 -19.37 9.10
C GLY B 328 -11.15 -19.56 9.35
N MET B 329 -10.35 -19.79 8.31
CA MET B 329 -8.96 -20.13 8.50
C MET B 329 -8.08 -18.94 8.83
N ALA B 330 -8.54 -17.71 8.60
CA ALA B 330 -7.68 -16.55 8.78
C ALA B 330 -8.51 -15.31 9.04
N VAL B 331 -7.84 -14.28 9.53
CA VAL B 331 -8.43 -12.96 9.77
C VAL B 331 -7.51 -11.95 9.11
N ALA B 332 -8.04 -11.18 8.17
CA ALA B 332 -7.27 -10.14 7.51
C ALA B 332 -7.69 -8.78 8.04
N THR B 333 -6.71 -8.00 8.50
CA THR B 333 -6.96 -6.68 9.06
C THR B 333 -6.09 -5.66 8.33
N GLY B 334 -6.74 -4.77 7.58
CA GLY B 334 -6.01 -3.72 6.88
C GLY B 334 -6.14 -2.39 7.59
N SER B 335 -5.04 -1.67 7.72
CA SER B 335 -5.02 -0.45 8.51
C SER B 335 -4.55 0.72 7.67
N TRP B 336 -4.70 1.93 8.23
CA TRP B 336 -4.16 3.13 7.60
C TRP B 336 -2.65 3.13 7.55
N ASP B 337 -2.01 2.14 8.15
CA ASP B 337 -0.56 2.00 8.12
C ASP B 337 -0.10 1.65 6.70
N SER B 338 -1.04 1.29 5.82
CA SER B 338 -0.81 0.86 4.44
C SER B 338 -0.23 -0.54 4.36
N PHE B 339 -0.45 -1.34 5.39
CA PHE B 339 -0.09 -2.76 5.37
C PHE B 339 -1.32 -3.56 5.76
N LEU B 340 -1.46 -4.75 5.17
CA LEU B 340 -2.66 -5.55 5.34
C LEU B 340 -2.22 -6.93 5.83
N LYS B 341 -2.15 -7.09 7.15
CA LYS B 341 -1.70 -8.33 7.74
C LYS B 341 -2.77 -9.41 7.61
N ILE B 342 -2.38 -10.65 7.87
CA ILE B 342 -3.28 -11.80 7.82
C ILE B 342 -2.95 -12.69 9.00
N TRP B 343 -3.86 -12.73 9.97
CA TRP B 343 -3.63 -13.46 11.21
C TRP B 343 -4.22 -14.86 11.12
N ASN B 344 -3.88 -15.68 12.11
CA ASN B 344 -4.35 -17.06 12.17
C ASN B 344 -4.08 -17.66 13.55
N ILE C 9 -46.24 17.55 5.52
CA ILE C 9 -45.90 16.84 6.74
C ILE C 9 -46.33 15.37 6.66
N ALA C 10 -46.13 14.78 5.48
CA ALA C 10 -46.47 13.37 5.27
C ALA C 10 -45.54 12.43 6.00
N GLN C 11 -44.36 12.91 6.41
CA GLN C 11 -43.43 12.05 7.14
C GLN C 11 -44.02 11.57 8.46
N ALA C 12 -44.93 12.35 9.04
CA ALA C 12 -45.59 11.89 10.26
C ALA C 12 -46.41 10.64 10.02
N ARG C 13 -47.25 10.65 8.98
CA ARG C 13 -48.02 9.45 8.65
C ARG C 13 -47.10 8.31 8.22
N LYS C 14 -46.05 8.61 7.46
CA LYS C 14 -45.10 7.57 7.07
C LYS C 14 -44.52 6.89 8.30
N LEU C 15 -44.05 7.68 9.27
CA LEU C 15 -43.43 7.11 10.46
C LEU C 15 -44.43 6.32 11.29
N VAL C 16 -45.65 6.85 11.46
CA VAL C 16 -46.61 6.14 12.31
C VAL C 16 -47.05 4.83 11.66
N GLU C 17 -47.24 4.83 10.33
CA GLU C 17 -47.60 3.59 9.66
C GLU C 17 -46.46 2.58 9.71
N GLN C 18 -45.22 3.04 9.54
CA GLN C 18 -44.08 2.12 9.62
C GLN C 18 -43.95 1.54 11.02
N LEU C 19 -44.16 2.36 12.05
CA LEU C 19 -44.12 1.87 13.43
C LEU C 19 -45.25 0.88 13.69
N LYS C 20 -46.44 1.14 13.15
CA LYS C 20 -47.55 0.20 13.31
C LYS C 20 -47.24 -1.13 12.65
N MET C 21 -46.64 -1.09 11.46
CA MET C 21 -46.27 -2.32 10.77
C MET C 21 -45.16 -3.06 11.50
N GLU C 22 -44.24 -2.33 12.12
CA GLU C 22 -43.16 -2.94 12.89
C GLU C 22 -43.62 -3.45 14.24
N ALA C 23 -44.76 -2.96 14.74
CA ALA C 23 -45.23 -3.38 16.06
C ALA C 23 -45.79 -4.79 16.02
N ASN C 24 -46.40 -5.20 14.91
CA ASN C 24 -47.00 -6.53 14.80
C ASN C 24 -45.94 -7.54 14.38
N ILE C 25 -45.05 -7.83 15.32
CA ILE C 25 -43.99 -8.81 15.15
C ILE C 25 -44.10 -9.84 16.27
N ASP C 26 -44.12 -11.12 15.91
CA ASP C 26 -44.19 -12.18 16.90
C ASP C 26 -42.83 -12.36 17.57
N ARG C 27 -42.65 -11.73 18.72
CA ARG C 27 -41.38 -11.83 19.43
C ARG C 27 -41.14 -13.25 19.95
N ILE C 28 -39.88 -13.62 20.02
CA ILE C 28 -39.44 -14.86 20.64
C ILE C 28 -38.77 -14.50 21.96
N LYS C 29 -39.06 -15.29 23.00
CA LYS C 29 -38.55 -14.97 24.32
C LYS C 29 -37.03 -14.99 24.32
N VAL C 30 -36.43 -14.07 25.09
CA VAL C 30 -34.99 -13.87 25.02
C VAL C 30 -34.23 -15.13 25.40
N SER C 31 -34.76 -15.89 26.35
CA SER C 31 -34.08 -17.12 26.77
C SER C 31 -33.97 -18.11 25.61
N LYS C 32 -35.04 -18.25 24.82
CA LYS C 32 -35.02 -19.19 23.71
C LYS C 32 -33.99 -18.78 22.65
N ALA C 33 -33.95 -17.49 22.30
CA ALA C 33 -32.99 -17.04 21.30
C ALA C 33 -31.57 -17.14 21.79
N ALA C 34 -31.33 -16.82 23.06
CA ALA C 34 -30.00 -16.97 23.63
C ALA C 34 -29.56 -18.42 23.63
N ALA C 35 -30.49 -19.33 23.96
CA ALA C 35 -30.18 -20.75 23.93
C ALA C 35 -29.90 -21.22 22.52
N ASP C 36 -30.62 -20.69 21.53
CA ASP C 36 -30.36 -21.07 20.15
C ASP C 36 -28.98 -20.60 19.69
N LEU C 37 -28.61 -19.37 20.04
CA LEU C 37 -27.27 -18.88 19.69
C LEU C 37 -26.19 -19.72 20.37
N MET C 38 -26.39 -20.05 21.65
CA MET C 38 -25.41 -20.87 22.36
C MET C 38 -25.30 -22.25 21.74
N ALA C 39 -26.44 -22.84 21.36
CA ALA C 39 -26.43 -24.15 20.73
C ALA C 39 -25.70 -24.13 19.40
N TYR C 40 -25.93 -23.09 18.59
CA TYR C 40 -25.22 -22.97 17.33
C TYR C 40 -23.72 -22.82 17.56
N CYS C 41 -23.33 -22.04 18.57
CA CYS C 41 -21.91 -21.88 18.86
C CYS C 41 -21.27 -23.18 19.31
N GLU C 42 -21.99 -23.98 20.11
CA GLU C 42 -21.43 -25.23 20.60
C GLU C 42 -21.36 -26.29 19.50
N ALA C 43 -22.39 -26.37 18.66
CA ALA C 43 -22.43 -27.41 17.65
C ALA C 43 -21.36 -27.23 16.58
N HIS C 44 -21.05 -25.99 16.22
CA HIS C 44 -20.12 -25.70 15.14
C HIS C 44 -18.74 -25.29 15.63
N ALA C 45 -18.45 -25.47 16.93
CA ALA C 45 -17.15 -25.09 17.45
C ALA C 45 -16.03 -26.01 16.97
N LYS C 46 -16.37 -27.19 16.45
CA LYS C 46 -15.34 -28.09 15.92
C LYS C 46 -14.81 -27.58 14.59
N GLU C 47 -15.69 -27.06 13.74
CA GLU C 47 -15.27 -26.49 12.46
C GLU C 47 -15.01 -24.98 12.59
N ASP C 48 -14.17 -24.61 13.55
CA ASP C 48 -13.83 -23.21 13.80
C ASP C 48 -12.30 -23.12 13.91
N PRO C 49 -11.60 -23.04 12.78
CA PRO C 49 -10.13 -23.04 12.81
C PRO C 49 -9.52 -21.87 13.56
N LEU C 50 -10.31 -20.93 14.05
CA LEU C 50 -9.79 -19.82 14.85
C LEU C 50 -9.87 -20.09 16.34
N LEU C 51 -10.94 -20.74 16.81
CA LEU C 51 -11.04 -21.12 18.21
C LEU C 51 -9.94 -22.10 18.58
N THR C 52 -9.95 -23.28 17.97
CA THR C 52 -8.98 -24.32 18.27
C THR C 52 -7.92 -24.33 17.18
N PRO C 53 -6.69 -23.90 17.47
CA PRO C 53 -5.67 -23.83 16.40
C PRO C 53 -5.34 -25.20 15.84
N VAL C 54 -5.68 -25.42 14.57
CA VAL C 54 -5.37 -26.67 13.89
C VAL C 54 -3.86 -26.74 13.68
N PRO C 55 -3.28 -27.93 13.61
CA PRO C 55 -1.82 -28.03 13.42
C PRO C 55 -1.40 -27.55 12.05
N ALA C 56 -0.11 -27.24 11.93
CA ALA C 56 0.46 -26.69 10.71
C ALA C 56 0.37 -27.62 9.52
N SER C 57 -0.17 -28.83 9.68
CA SER C 57 -0.33 -29.73 8.54
C SER C 57 -1.43 -29.24 7.61
N GLU C 58 -2.56 -28.80 8.17
CA GLU C 58 -3.65 -28.22 7.39
C GLU C 58 -3.84 -26.74 7.72
N ASN C 59 -2.74 -26.00 7.83
CA ASN C 59 -2.76 -24.56 8.02
C ASN C 59 -2.06 -23.95 6.82
N PRO C 60 -2.81 -23.51 5.80
CA PRO C 60 -2.17 -23.09 4.54
C PRO C 60 -1.24 -21.90 4.69
N PHE C 61 -1.37 -21.12 5.75
CA PHE C 61 -0.50 -19.97 5.94
C PHE C 61 0.76 -20.35 6.72
N MET D 63 54.53 2.97 33.12
CA MET D 63 53.87 3.64 32.00
C MET D 63 52.40 3.92 32.32
N VAL D 64 52.16 4.86 33.23
CA VAL D 64 50.80 5.22 33.60
C VAL D 64 50.08 5.88 32.42
N THR D 65 50.81 6.67 31.62
CA THR D 65 50.21 7.31 30.46
C THR D 65 49.72 6.28 29.45
N ALA D 66 50.45 5.18 29.29
CA ALA D 66 50.00 4.11 28.41
C ALA D 66 48.68 3.52 28.90
N ILE D 67 48.55 3.29 30.20
CA ILE D 67 47.30 2.76 30.75
C ILE D 67 46.18 3.78 30.57
N THR D 68 46.47 5.06 30.74
CA THR D 68 45.45 6.09 30.51
C THR D 68 45.00 6.11 29.05
N ILE D 69 45.95 5.94 28.12
CA ILE D 69 45.60 5.89 26.70
C ILE D 69 44.72 4.68 26.43
N MET D 70 45.06 3.53 27.01
CA MET D 70 44.25 2.32 26.83
C MET D 70 42.85 2.52 27.37
N ALA D 71 42.74 3.14 28.55
CA ALA D 71 41.42 3.40 29.13
C ALA D 71 40.61 4.36 28.27
N LEU D 72 41.27 5.39 27.72
CA LEU D 72 40.58 6.34 26.84
C LEU D 72 40.07 5.64 25.58
N TYR D 73 40.91 4.81 24.98
CA TYR D 73 40.49 4.04 23.80
C TYR D 73 39.30 3.15 24.14
N SER D 74 39.38 2.45 25.26
CA SER D 74 38.32 1.53 25.65
C SER D 74 37.01 2.26 25.91
N ILE D 75 37.05 3.39 26.62
CA ILE D 75 35.82 4.11 26.94
C ILE D 75 35.22 4.73 25.69
N VAL D 76 36.07 5.23 24.78
CA VAL D 76 35.55 5.76 23.52
C VAL D 76 34.86 4.65 22.73
N CYS D 77 35.49 3.47 22.65
CA CYS D 77 34.89 2.36 21.93
C CYS D 77 33.57 1.95 22.56
N VAL D 78 33.52 1.87 23.89
CA VAL D 78 32.29 1.45 24.57
C VAL D 78 31.17 2.44 24.31
N VAL D 79 31.45 3.74 24.45
CA VAL D 79 30.42 4.75 24.24
C VAL D 79 29.93 4.73 22.81
N GLY D 80 30.86 4.64 21.85
CA GLY D 80 30.46 4.59 20.45
C GLY D 80 29.59 3.39 20.14
N LEU D 81 30.01 2.22 20.61
CA LEU D 81 29.23 1.00 20.37
C LEU D 81 27.84 1.12 20.97
N PHE D 82 27.74 1.59 22.22
CA PHE D 82 26.45 1.68 22.88
C PHE D 82 25.52 2.65 22.14
N GLY D 83 26.02 3.86 21.86
CA GLY D 83 25.17 4.84 21.19
C GLY D 83 24.75 4.40 19.82
N ASN D 84 25.70 3.90 19.02
CA ASN D 84 25.38 3.45 17.67
C ASN D 84 24.35 2.33 17.69
N PHE D 85 24.56 1.33 18.56
CA PHE D 85 23.67 0.18 18.59
C PHE D 85 22.28 0.59 19.06
N LEU D 86 22.19 1.50 20.03
CA LEU D 86 20.87 1.97 20.46
C LEU D 86 20.18 2.71 19.34
N VAL D 87 20.93 3.50 18.55
CA VAL D 87 20.33 4.20 17.42
C VAL D 87 19.80 3.22 16.39
N MET D 88 20.60 2.19 16.07
CA MET D 88 20.13 1.18 15.12
C MET D 88 18.91 0.45 15.65
N TYR D 89 18.87 0.18 16.96
CA TYR D 89 17.71 -0.47 17.56
C TYR D 89 16.46 0.39 17.38
N VAL D 90 16.54 1.67 17.77
CA VAL D 90 15.38 2.56 17.65
C VAL D 90 14.95 2.66 16.20
N ILE D 91 15.91 2.73 15.28
CA ILE D 91 15.58 2.86 13.86
C ILE D 91 14.88 1.61 13.35
N VAL D 92 15.33 0.43 13.77
CA VAL D 92 14.84 -0.80 13.15
C VAL D 92 13.52 -1.24 13.77
N ARG D 93 13.24 -0.88 15.03
CA ARG D 93 11.98 -1.27 15.62
C ARG D 93 10.88 -0.22 15.43
N TYR D 94 11.13 1.00 15.90
CA TYR D 94 10.05 1.98 15.99
C TYR D 94 9.79 2.68 14.65
N THR D 95 10.78 3.41 14.14
CA THR D 95 10.54 4.16 12.91
C THR D 95 10.54 3.25 11.68
N LYS D 96 11.46 2.28 11.64
CA LYS D 96 11.49 1.23 10.62
C LYS D 96 11.88 1.76 9.24
N MET D 97 12.77 2.74 9.19
CA MET D 97 13.42 3.17 7.94
C MET D 97 12.41 3.51 6.85
N LYS D 98 11.38 4.27 7.22
CA LYS D 98 10.33 4.63 6.29
C LYS D 98 10.66 5.84 5.43
N THR D 99 11.72 6.58 5.75
CA THR D 99 12.06 7.80 5.03
C THR D 99 13.57 7.84 4.77
N ALA D 100 13.95 8.73 3.86
CA ALA D 100 15.35 8.83 3.44
C ALA D 100 16.25 9.19 4.60
N THR D 101 15.82 10.13 5.44
CA THR D 101 16.66 10.58 6.55
C THR D 101 16.98 9.44 7.51
N ASN D 102 16.00 8.58 7.78
CA ASN D 102 16.25 7.44 8.66
C ASN D 102 17.21 6.45 8.00
N ILE D 103 17.11 6.29 6.68
CA ILE D 103 18.06 5.44 5.97
C ILE D 103 19.48 5.97 6.15
N TYR D 104 19.67 7.27 5.95
CA TYR D 104 21.00 7.85 6.10
C TYR D 104 21.50 7.74 7.53
N ILE D 105 20.62 7.98 8.51
CA ILE D 105 21.04 7.91 9.91
C ILE D 105 21.44 6.48 10.27
N PHE D 106 20.67 5.50 9.80
CA PHE D 106 21.02 4.11 10.04
C PHE D 106 22.37 3.76 9.41
N ASN D 107 22.60 4.21 8.17
CA ASN D 107 23.87 3.93 7.52
C ASN D 107 25.03 4.56 8.27
N LEU D 108 24.87 5.81 8.71
CA LEU D 108 25.92 6.49 9.46
C LEU D 108 26.20 5.78 10.78
N ALA D 109 25.14 5.37 11.49
CA ALA D 109 25.33 4.68 12.75
C ALA D 109 26.02 3.33 12.55
N LEU D 110 25.65 2.61 11.49
CA LEU D 110 26.31 1.34 11.20
C LEU D 110 27.79 1.55 10.89
N ALA D 111 28.10 2.55 10.07
CA ALA D 111 29.49 2.81 9.72
C ALA D 111 30.29 3.22 10.95
N ASP D 112 29.70 4.04 11.82
CA ASP D 112 30.41 4.47 13.02
C ASP D 112 30.62 3.31 14.00
N ALA D 113 29.62 2.42 14.12
CA ALA D 113 29.78 1.25 14.98
C ALA D 113 30.87 0.34 14.46
N LEU D 114 30.89 0.10 13.15
CA LEU D 114 31.96 -0.71 12.57
C LEU D 114 33.32 -0.05 12.77
N ALA D 115 33.38 1.28 12.62
CA ALA D 115 34.65 1.98 12.82
C ALA D 115 35.14 1.86 14.25
N THR D 116 34.25 2.02 15.22
CA THR D 116 34.66 1.99 16.62
C THR D 116 34.83 0.58 17.16
N SER D 117 34.33 -0.44 16.46
CA SER D 117 34.69 -1.81 16.81
C SER D 117 36.15 -2.12 16.51
N THR D 118 36.77 -1.37 15.61
CA THR D 118 38.19 -1.49 15.34
C THR D 118 39.04 -0.97 16.49
N LEU D 119 38.49 -0.07 17.31
CA LEU D 119 39.30 0.65 18.28
C LEU D 119 39.98 -0.24 19.32
N PRO D 120 39.31 -1.19 19.99
CA PRO D 120 40.02 -1.97 21.01
C PRO D 120 41.11 -2.86 20.44
N PHE D 121 41.02 -3.24 19.17
CA PHE D 121 42.13 -3.96 18.54
C PHE D 121 43.39 -3.11 18.55
N GLN D 122 43.26 -1.83 18.17
CA GLN D 122 44.40 -0.94 18.23
C GLN D 122 44.83 -0.68 19.66
N SER D 123 43.87 -0.64 20.59
CA SER D 123 44.21 -0.45 21.99
C SER D 123 45.10 -1.57 22.51
N VAL D 124 44.70 -2.81 22.26
CA VAL D 124 45.51 -3.94 22.72
C VAL D 124 46.82 -4.02 21.94
N ASN D 125 46.82 -3.62 20.67
CA ASN D 125 48.06 -3.57 19.91
C ASN D 125 49.06 -2.62 20.57
N TYR D 126 48.60 -1.43 20.95
CA TYR D 126 49.48 -0.48 21.61
C TYR D 126 49.89 -0.99 22.99
N LEU D 127 48.96 -1.62 23.71
CA LEU D 127 49.27 -2.11 25.05
C LEU D 127 50.35 -3.18 25.02
N MET D 128 50.27 -4.11 24.07
CA MET D 128 51.26 -5.16 23.94
C MET D 128 52.47 -4.76 23.09
N GLY D 129 52.34 -3.71 22.29
CA GLY D 129 53.43 -3.27 21.44
C GLY D 129 53.61 -4.05 20.16
N THR D 130 52.71 -4.97 19.85
CA THR D 130 52.84 -5.81 18.67
C THR D 130 51.47 -6.32 18.26
N TRP D 131 51.37 -6.78 17.01
CA TRP D 131 50.14 -7.37 16.50
C TRP D 131 50.19 -8.88 16.67
N PRO D 132 49.35 -9.47 17.53
CA PRO D 132 49.31 -10.92 17.66
C PRO D 132 48.25 -11.60 16.80
N PHE D 133 47.37 -10.84 16.16
CA PHE D 133 46.17 -11.41 15.55
C PHE D 133 46.38 -11.99 14.16
N GLY D 134 47.59 -11.88 13.60
CA GLY D 134 47.88 -12.51 12.33
C GLY D 134 47.61 -11.62 11.13
N ASN D 135 48.06 -12.11 9.97
CA ASN D 135 48.02 -11.32 8.74
C ASN D 135 46.59 -11.02 8.30
N ILE D 136 45.72 -12.04 8.33
CA ILE D 136 44.35 -11.84 7.87
C ILE D 136 43.62 -10.84 8.74
N LEU D 137 43.78 -10.97 10.06
CA LEU D 137 43.11 -10.05 10.97
C LEU D 137 43.69 -8.64 10.84
N CYS D 138 45.00 -8.51 10.65
CA CYS D 138 45.58 -7.19 10.41
C CYS D 138 44.98 -6.55 9.17
N LYS D 139 44.93 -7.30 8.06
CA LYS D 139 44.38 -6.77 6.82
C LYS D 139 42.93 -6.33 7.01
N ILE D 140 42.11 -7.19 7.62
CA ILE D 140 40.69 -6.86 7.73
C ILE D 140 40.49 -5.68 8.68
N VAL D 141 41.25 -5.61 9.77
CA VAL D 141 41.08 -4.50 10.70
C VAL D 141 41.44 -3.18 10.04
N ILE D 142 42.59 -3.12 9.36
CA ILE D 142 43.00 -1.87 8.72
C ILE D 142 42.01 -1.49 7.62
N SER D 143 41.60 -2.47 6.81
CA SER D 143 40.71 -2.15 5.71
C SER D 143 39.36 -1.67 6.19
N ILE D 144 38.80 -2.30 7.22
CA ILE D 144 37.50 -1.83 7.71
C ILE D 144 37.66 -0.49 8.43
N ASP D 145 38.81 -0.21 9.02
CA ASP D 145 39.02 1.11 9.60
C ASP D 145 38.95 2.19 8.54
N TYR D 146 39.74 2.04 7.46
CA TYR D 146 39.71 3.02 6.38
C TYR D 146 38.34 3.07 5.72
N TYR D 147 37.73 1.91 5.49
CA TYR D 147 36.43 1.82 4.85
C TYR D 147 35.36 2.53 5.66
N ASN D 148 35.37 2.34 6.97
CA ASN D 148 34.34 2.94 7.82
C ASN D 148 34.56 4.43 7.95
N MET D 149 35.82 4.88 8.01
CA MET D 149 36.08 6.31 7.96
C MET D 149 35.49 6.94 6.70
N PHE D 150 35.75 6.33 5.54
CA PHE D 150 35.26 6.90 4.29
C PHE D 150 33.73 6.83 4.20
N THR D 151 33.13 5.73 4.64
CA THR D 151 31.68 5.63 4.61
C THR D 151 31.03 6.67 5.51
N SER D 152 31.58 6.88 6.71
CA SER D 152 31.04 7.88 7.61
C SER D 152 31.16 9.28 7.01
N ILE D 153 32.32 9.60 6.44
CA ILE D 153 32.52 10.93 5.86
C ILE D 153 31.54 11.15 4.71
N PHE D 154 31.41 10.16 3.82
CA PHE D 154 30.57 10.34 2.66
C PHE D 154 29.09 10.34 3.03
N THR D 155 28.71 9.63 4.10
CA THR D 155 27.33 9.69 4.56
C THR D 155 27.01 11.06 5.17
N LEU D 156 27.97 11.64 5.90
CA LEU D 156 27.78 13.00 6.39
C LEU D 156 27.60 13.98 5.24
N CYS D 157 28.45 13.86 4.22
CA CYS D 157 28.35 14.76 3.07
C CYS D 157 27.02 14.56 2.34
N THR D 158 26.58 13.30 2.20
CA THR D 158 25.33 13.01 1.52
C THR D 158 24.15 13.58 2.29
N MET D 159 24.16 13.48 3.62
CA MET D 159 23.08 14.07 4.41
C MET D 159 23.07 15.58 4.30
N SER D 160 24.26 16.21 4.28
CA SER D 160 24.30 17.66 4.12
C SER D 160 23.72 18.08 2.77
N VAL D 161 24.10 17.37 1.71
CA VAL D 161 23.57 17.69 0.37
C VAL D 161 22.08 17.43 0.31
N ASP D 162 21.62 16.35 0.96
CA ASP D 162 20.21 16.03 0.97
C ASP D 162 19.39 17.13 1.63
N ARG D 163 19.86 17.62 2.78
CA ARG D 163 19.13 18.69 3.45
C ARG D 163 19.20 20.00 2.68
N TYR D 164 20.34 20.28 2.05
CA TYR D 164 20.43 21.48 1.21
C TYR D 164 19.44 21.42 0.06
N ILE D 165 19.31 20.25 -0.59
CA ILE D 165 18.35 20.13 -1.68
C ILE D 165 16.92 20.21 -1.15
N ALA D 166 16.68 19.65 0.03
CA ALA D 166 15.34 19.69 0.61
C ALA D 166 14.91 21.11 0.94
N VAL D 167 15.85 21.98 1.30
CA VAL D 167 15.47 23.32 1.76
C VAL D 167 15.56 24.34 0.63
N CYS D 168 16.53 24.21 -0.26
CA CYS D 168 16.76 25.22 -1.29
C CYS D 168 16.11 24.89 -2.62
N HIS D 169 15.89 23.62 -2.94
CA HIS D 169 15.21 23.20 -4.17
C HIS D 169 14.09 22.24 -3.81
N PRO D 170 13.00 22.75 -3.24
CA PRO D 170 11.95 21.83 -2.76
C PRO D 170 11.18 21.16 -3.87
N VAL D 171 10.87 21.89 -4.95
CA VAL D 171 10.09 21.31 -6.03
C VAL D 171 10.86 20.20 -6.72
N LYS D 172 12.18 20.28 -6.76
CA LYS D 172 13.01 19.20 -7.29
C LYS D 172 13.38 18.18 -6.23
N ALA D 173 13.40 18.57 -4.96
CA ALA D 173 13.53 17.59 -3.89
C ALA D 173 12.30 16.69 -3.82
N LEU D 174 11.18 17.12 -4.41
CA LEU D 174 10.08 16.19 -4.64
C LEU D 174 10.50 15.08 -5.58
N ASP D 175 11.24 15.41 -6.64
CA ASP D 175 11.71 14.41 -7.58
C ASP D 175 12.76 13.50 -6.96
N PHE D 176 13.74 14.09 -6.28
CA PHE D 176 14.93 13.33 -5.88
C PHE D 176 14.71 12.57 -4.57
N ARG D 177 14.23 13.25 -3.53
CA ARG D 177 14.29 12.72 -2.17
C ARG D 177 13.25 11.62 -1.96
N THR D 178 13.45 10.51 -2.64
CA THR D 178 12.65 9.32 -2.43
C THR D 178 13.48 8.26 -1.70
N PRO D 179 12.84 7.35 -0.96
CA PRO D 179 13.63 6.30 -0.29
C PRO D 179 14.42 5.42 -1.23
N ARG D 180 13.91 5.16 -2.44
CA ARG D 180 14.67 4.37 -3.40
C ARG D 180 15.94 5.08 -3.82
N ASN D 181 15.85 6.39 -4.10
CA ASN D 181 17.04 7.17 -4.41
C ASN D 181 17.99 7.22 -3.22
N ALA D 182 17.45 7.24 -2.01
CA ALA D 182 18.31 7.20 -0.83
C ALA D 182 19.09 5.89 -0.77
N LYS D 183 18.42 4.77 -1.05
CA LYS D 183 19.10 3.48 -1.06
C LYS D 183 20.17 3.43 -2.16
N ILE D 184 19.84 3.96 -3.33
CA ILE D 184 20.80 3.97 -4.44
C ILE D 184 22.03 4.79 -4.09
N VAL D 185 21.82 5.98 -3.50
CA VAL D 185 22.94 6.83 -3.12
C VAL D 185 23.76 6.18 -2.02
N ASN D 186 23.10 5.52 -1.07
CA ASN D 186 23.82 4.80 -0.03
C ASN D 186 24.73 3.73 -0.62
N VAL D 187 24.19 2.90 -1.50
CA VAL D 187 24.98 1.83 -2.10
C VAL D 187 26.14 2.41 -2.91
N CYS D 188 25.87 3.50 -3.65
CA CYS D 188 26.94 4.14 -4.41
C CYS D 188 28.04 4.63 -3.49
N ASN D 189 27.68 5.24 -2.36
CA ASN D 189 28.69 5.73 -1.42
C ASN D 189 29.51 4.59 -0.84
N TRP D 190 28.87 3.47 -0.54
CA TRP D 190 29.63 2.31 -0.10
C TRP D 190 30.59 1.83 -1.20
N ILE D 191 30.20 1.98 -2.47
CA ILE D 191 31.08 1.59 -3.57
C ILE D 191 32.30 2.51 -3.63
N LEU D 192 32.07 3.83 -3.57
CA LEU D 192 33.17 4.84 -3.59
C LEU D 192 34.09 4.63 -2.40
N SER D 193 33.55 4.17 -1.26
CA SER D 193 34.37 3.85 -0.10
C SER D 193 35.18 2.58 -0.34
N SER D 194 34.57 1.59 -1.00
CA SER D 194 35.31 0.38 -1.38
C SER D 194 36.45 0.71 -2.32
N ALA D 195 36.32 1.77 -3.11
CA ALA D 195 37.37 2.16 -4.04
C ALA D 195 38.70 2.45 -3.35
N ILE D 196 38.67 2.75 -2.06
CA ILE D 196 39.89 2.86 -1.27
C ILE D 196 40.02 1.74 -0.23
N GLY D 197 38.92 1.10 0.15
CA GLY D 197 39.01 -0.02 1.06
C GLY D 197 39.60 -1.27 0.45
N LEU D 198 39.58 -1.39 -0.88
CA LEU D 198 40.12 -2.54 -1.59
C LEU D 198 41.64 -2.50 -1.68
N PRO D 199 42.26 -1.37 -2.02
CA PRO D 199 43.74 -1.33 -2.04
C PRO D 199 44.39 -1.65 -0.71
N VAL D 200 43.64 -1.63 0.41
CA VAL D 200 44.21 -2.14 1.65
C VAL D 200 44.35 -3.66 1.60
N MET D 201 43.31 -4.35 1.11
CA MET D 201 43.47 -5.75 0.75
C MET D 201 44.63 -5.97 -0.22
N PHE D 202 44.83 -5.02 -1.15
CA PHE D 202 45.87 -5.20 -2.14
C PHE D 202 47.25 -4.81 -1.63
N MET D 203 47.35 -4.14 -0.48
CA MET D 203 48.61 -3.55 -0.06
C MET D 203 49.01 -3.89 1.37
N ALA D 204 48.06 -4.04 2.29
CA ALA D 204 48.41 -4.23 3.70
C ALA D 204 49.16 -5.53 3.90
N THR D 205 50.12 -5.52 4.82
CA THR D 205 50.90 -6.69 5.16
C THR D 205 51.54 -6.49 6.52
N THR D 206 51.67 -7.58 7.26
CA THR D 206 52.19 -7.54 8.64
C THR D 206 53.68 -7.82 8.58
N LYS D 207 54.47 -6.78 8.35
CA LYS D 207 55.92 -6.93 8.32
C LYS D 207 56.46 -7.21 9.72
N TYR D 208 57.70 -7.68 9.76
CA TYR D 208 58.36 -8.03 11.01
C TYR D 208 59.63 -7.20 11.15
N ARG D 209 59.86 -6.68 12.36
CA ARG D 209 61.08 -5.96 12.69
C ARG D 209 62.01 -6.88 13.48
N GLN D 210 63.08 -6.30 14.02
CA GLN D 210 64.03 -7.09 14.80
C GLN D 210 63.37 -7.71 16.02
N GLY D 211 62.54 -6.93 16.72
CA GLY D 211 61.79 -7.45 17.85
C GLY D 211 60.33 -7.09 17.80
N SER D 212 59.98 -6.15 16.94
CA SER D 212 58.62 -5.64 16.84
C SER D 212 57.90 -6.23 15.63
N ILE D 213 56.57 -6.24 15.70
CA ILE D 213 55.72 -6.66 14.60
C ILE D 213 54.66 -5.57 14.41
N ASP D 214 54.65 -4.97 13.22
CA ASP D 214 53.80 -3.83 12.93
C ASP D 214 53.04 -4.05 11.63
N CYS D 215 51.93 -3.35 11.47
CA CYS D 215 51.13 -3.40 10.26
C CYS D 215 51.33 -2.12 9.46
N THR D 216 51.76 -2.26 8.21
CA THR D 216 52.03 -1.12 7.34
C THR D 216 51.16 -1.20 6.09
N LEU D 217 51.19 -0.13 5.30
CA LEU D 217 50.41 -0.01 4.07
C LEU D 217 51.28 0.50 2.93
N THR D 218 52.47 -0.08 2.79
CA THR D 218 53.39 0.30 1.71
C THR D 218 53.92 -0.97 1.05
N PHE D 219 53.67 -1.11 -0.24
CA PHE D 219 54.12 -2.27 -0.99
C PHE D 219 55.08 -1.92 -2.13
N SER D 220 54.71 -0.97 -2.98
CA SER D 220 55.50 -0.68 -4.17
C SER D 220 56.83 -0.03 -3.80
N HIS D 221 57.80 -0.20 -4.69
CA HIS D 221 59.12 0.38 -4.47
C HIS D 221 59.09 1.90 -4.29
N PRO D 222 58.34 2.69 -5.08
CA PRO D 222 58.31 4.14 -4.82
C PRO D 222 57.58 4.47 -3.53
N THR D 223 58.22 4.17 -2.40
CA THR D 223 57.58 4.40 -1.11
C THR D 223 57.29 5.88 -0.88
N TRP D 224 58.26 6.74 -1.20
CA TRP D 224 58.07 8.17 -1.01
C TRP D 224 56.91 8.68 -1.86
N TYR D 225 56.78 8.17 -3.08
CA TYR D 225 55.65 8.55 -3.93
C TYR D 225 54.35 7.96 -3.39
N TRP D 226 54.33 6.67 -3.09
CA TRP D 226 53.07 5.98 -2.83
C TRP D 226 52.48 6.36 -1.47
N GLU D 227 53.30 6.36 -0.43
CA GLU D 227 52.78 6.72 0.89
C GLU D 227 52.31 8.17 0.92
N ASN D 228 53.08 9.07 0.32
CA ASN D 228 52.68 10.47 0.25
C ASN D 228 51.40 10.62 -0.59
N LEU D 229 51.27 9.84 -1.66
CA LEU D 229 50.05 9.90 -2.45
C LEU D 229 48.85 9.44 -1.65
N LEU D 230 48.99 8.37 -0.86
CA LEU D 230 47.89 7.94 -0.02
C LEU D 230 47.53 9.02 1.01
N LYS D 231 48.53 9.63 1.63
CA LYS D 231 48.26 10.68 2.60
C LYS D 231 47.55 11.87 1.97
N ILE D 232 48.02 12.31 0.80
CA ILE D 232 47.39 13.43 0.11
C ILE D 232 45.98 13.09 -0.31
N CYS D 233 45.76 11.87 -0.81
CA CYS D 233 44.43 11.47 -1.24
C CYS D 233 43.45 11.45 -0.07
N VAL D 234 43.88 10.90 1.08
CA VAL D 234 42.96 10.88 2.22
C VAL D 234 42.73 12.27 2.76
N PHE D 235 43.77 13.13 2.76
CA PHE D 235 43.60 14.49 3.24
C PHE D 235 42.66 15.28 2.36
N ILE D 236 42.72 15.06 1.04
CA ILE D 236 41.92 15.86 0.11
C ILE D 236 40.49 15.35 0.03
N PHE D 237 40.30 14.03 -0.03
CA PHE D 237 38.99 13.44 -0.19
C PHE D 237 38.36 13.02 1.13
N ALA D 238 38.95 13.41 2.25
CA ALA D 238 38.33 13.16 3.55
C ALA D 238 38.25 14.39 4.44
N PHE D 239 39.08 15.41 4.22
CA PHE D 239 38.98 16.64 5.01
C PHE D 239 38.59 17.84 4.17
N ILE D 240 39.34 18.18 3.12
CA ILE D 240 39.09 19.43 2.41
C ILE D 240 37.76 19.39 1.70
N MET D 241 37.57 18.41 0.82
CA MET D 241 36.30 18.31 0.08
C MET D 241 35.10 18.13 0.99
N PRO D 242 35.10 17.24 1.99
CA PRO D 242 33.93 17.14 2.86
C PRO D 242 33.65 18.40 3.66
N VAL D 243 34.69 19.07 4.16
CA VAL D 243 34.47 20.30 4.91
C VAL D 243 33.86 21.35 4.00
N LEU D 244 34.41 21.51 2.79
CA LEU D 244 33.85 22.49 1.86
C LEU D 244 32.40 22.17 1.53
N ILE D 245 32.09 20.90 1.26
CA ILE D 245 30.74 20.58 0.80
C ILE D 245 29.74 20.76 1.93
N ILE D 246 30.04 20.27 3.14
CA ILE D 246 29.06 20.42 4.21
C ILE D 246 28.94 21.87 4.63
N THR D 247 30.05 22.61 4.65
CA THR D 247 29.97 24.03 5.03
C THR D 247 29.15 24.82 4.03
N VAL D 248 29.38 24.61 2.73
CA VAL D 248 28.63 25.34 1.71
C VAL D 248 27.16 24.97 1.78
N CYS D 249 26.86 23.68 1.87
CA CYS D 249 25.46 23.25 1.87
C CYS D 249 24.72 23.80 3.08
N TYR D 250 25.32 23.68 4.27
CA TYR D 250 24.62 24.15 5.46
C TYR D 250 24.53 25.67 5.53
N GLY D 251 25.56 26.38 5.05
CA GLY D 251 25.47 27.83 5.02
C GLY D 251 24.38 28.32 4.09
N LEU D 252 24.31 27.74 2.89
CA LEU D 252 23.26 28.11 1.95
C LEU D 252 21.89 27.75 2.50
N MET D 253 21.77 26.59 3.15
CA MET D 253 20.50 26.18 3.75
C MET D 253 20.05 27.16 4.81
N ILE D 254 20.98 27.61 5.67
CA ILE D 254 20.61 28.55 6.73
C ILE D 254 20.25 29.91 6.15
N LEU D 255 20.99 30.35 5.13
CA LEU D 255 20.65 31.59 4.46
C LEU D 255 19.23 31.54 3.90
N ARG D 256 18.86 30.41 3.30
CA ARG D 256 17.50 30.27 2.79
C ARG D 256 16.48 30.23 3.93
N LEU D 257 16.78 29.50 5.00
CA LEU D 257 15.84 29.39 6.12
C LEU D 257 15.64 30.70 6.85
N LYS D 258 16.55 31.66 6.71
CA LYS D 258 16.32 32.96 7.32
C LYS D 258 15.13 33.69 6.71
N SER D 259 14.63 33.24 5.56
CA SER D 259 13.57 33.95 4.85
C SER D 259 12.23 33.22 4.83
N VAL D 260 12.16 31.98 5.31
CA VAL D 260 10.91 31.23 5.28
C VAL D 260 9.91 31.88 6.24
N ARG D 261 8.67 32.05 5.77
CA ARG D 261 7.64 32.68 6.60
C ARG D 261 7.36 31.89 7.86
N MET D 262 7.40 30.56 7.79
CA MET D 262 7.15 29.74 8.96
C MET D 262 8.22 29.92 10.03
N LEU D 263 9.40 30.44 9.67
CA LEU D 263 10.51 30.58 10.59
C LEU D 263 10.90 32.04 10.78
N SER D 264 9.92 32.94 10.72
CA SER D 264 10.15 34.37 10.93
C SER D 264 8.82 35.07 11.09
N GLY D 265 8.74 35.97 12.08
CA GLY D 265 7.53 36.76 12.27
C GLY D 265 6.94 36.68 13.66
N SER D 266 7.54 35.88 14.53
CA SER D 266 7.04 35.75 15.90
C SER D 266 8.18 35.29 16.80
N LYS D 267 7.90 35.27 18.11
CA LYS D 267 8.90 34.85 19.08
C LYS D 267 9.24 33.38 18.92
N GLU D 268 8.22 32.52 18.88
CA GLU D 268 8.47 31.08 18.86
C GLU D 268 8.99 30.61 17.50
N LYS D 269 8.54 31.21 16.41
CA LYS D 269 9.05 30.83 15.09
C LYS D 269 10.53 31.20 14.96
N ASP D 270 10.90 32.40 15.40
CA ASP D 270 12.31 32.77 15.36
C ASP D 270 13.13 31.97 16.35
N ARG D 271 12.52 31.56 17.48
CA ARG D 271 13.21 30.65 18.38
C ARG D 271 13.48 29.31 17.71
N ASN D 272 12.52 28.81 16.93
CA ASN D 272 12.73 27.56 16.20
C ASN D 272 13.84 27.71 15.16
N LEU D 273 13.85 28.82 14.43
CA LEU D 273 14.93 29.05 13.46
C LEU D 273 16.28 29.12 14.15
N ARG D 274 16.33 29.80 15.30
CA ARG D 274 17.56 29.90 16.09
C ARG D 274 18.02 28.53 16.57
N ARG D 275 17.09 27.68 16.99
CA ARG D 275 17.45 26.33 17.40
C ARG D 275 18.00 25.52 16.23
N ILE D 276 17.38 25.65 15.05
CA ILE D 276 17.83 24.92 13.88
C ILE D 276 19.25 25.35 13.49
N THR D 277 19.49 26.66 13.45
CA THR D 277 20.82 27.11 13.06
C THR D 277 21.86 26.77 14.13
N ARG D 278 21.47 26.74 15.41
CA ARG D 278 22.36 26.26 16.44
C ARG D 278 22.74 24.81 16.22
N MET D 279 21.75 23.96 15.89
CA MET D 279 22.05 22.55 15.65
C MET D 279 22.97 22.37 14.46
N VAL D 280 22.75 23.13 13.39
CA VAL D 280 23.60 23.03 12.21
C VAL D 280 25.02 23.45 12.52
N LEU D 281 25.16 24.57 13.23
CA LEU D 281 26.50 25.05 13.61
C LEU D 281 27.19 24.06 14.52
N VAL D 282 26.44 23.43 15.44
CA VAL D 282 27.03 22.42 16.31
C VAL D 282 27.54 21.24 15.49
N VAL D 283 26.76 20.79 14.52
CA VAL D 283 27.19 19.65 13.69
C VAL D 283 28.48 20.00 12.95
N VAL D 284 28.50 21.16 12.29
CA VAL D 284 29.68 21.53 11.51
C VAL D 284 30.90 21.71 12.41
N ALA D 285 30.72 22.37 13.56
CA ALA D 285 31.83 22.61 14.47
C ALA D 285 32.36 21.30 15.05
N VAL D 286 31.47 20.36 15.38
CA VAL D 286 31.91 19.07 15.88
C VAL D 286 32.72 18.33 14.82
N PHE D 287 32.26 18.37 13.57
CA PHE D 287 33.02 17.73 12.49
C PHE D 287 34.41 18.35 12.39
N ILE D 288 34.49 19.68 12.37
CA ILE D 288 35.79 20.35 12.24
C ILE D 288 36.69 19.99 13.40
N VAL D 289 36.17 20.06 14.63
CA VAL D 289 37.00 19.86 15.81
C VAL D 289 37.47 18.42 15.91
N CYS D 290 36.63 17.47 15.51
CA CYS D 290 37.01 16.07 15.63
C CYS D 290 37.81 15.56 14.44
N TRP D 291 37.87 16.28 13.32
CA TRP D 291 38.61 15.79 12.17
C TRP D 291 39.82 16.63 11.78
N THR D 292 39.99 17.82 12.32
CA THR D 292 41.13 18.63 11.93
C THR D 292 42.44 18.22 12.61
N PRO D 293 42.46 17.99 13.93
CA PRO D 293 43.75 17.66 14.58
C PRO D 293 44.46 16.46 13.99
N ILE D 294 43.72 15.40 13.65
CA ILE D 294 44.38 14.19 13.19
C ILE D 294 45.01 14.41 11.81
N HIS D 295 44.31 15.10 10.91
CA HIS D 295 44.88 15.36 9.58
C HIS D 295 46.05 16.31 9.67
N ILE D 296 45.94 17.36 10.51
CA ILE D 296 47.05 18.28 10.68
C ILE D 296 48.26 17.55 11.23
N TYR D 297 48.05 16.68 12.22
CA TYR D 297 49.16 15.93 12.80
C TYR D 297 49.79 15.00 11.79
N VAL D 298 48.98 14.33 10.97
CA VAL D 298 49.53 13.44 9.95
C VAL D 298 50.40 14.21 8.98
N ILE D 299 49.92 15.38 8.52
CA ILE D 299 50.71 16.18 7.58
C ILE D 299 52.01 16.65 8.23
N ILE D 300 51.92 17.15 9.46
CA ILE D 300 53.11 17.66 10.14
C ILE D 300 54.14 16.55 10.32
N LYS D 301 53.68 15.37 10.75
CA LYS D 301 54.60 14.24 10.91
C LYS D 301 55.18 13.80 9.57
N ALA D 302 54.39 13.87 8.50
CA ALA D 302 54.91 13.53 7.18
C ALA D 302 55.90 14.54 6.66
N LEU D 303 55.93 15.76 7.22
CA LEU D 303 56.86 16.78 6.78
C LEU D 303 57.94 17.11 7.80
N ILE D 304 57.93 16.49 8.98
CA ILE D 304 58.86 16.83 10.05
C ILE D 304 59.47 15.55 10.61
N THR D 305 60.73 15.65 11.04
CA THR D 305 61.43 14.50 11.63
C THR D 305 60.72 14.01 12.88
N ILE D 306 60.23 14.92 13.71
CA ILE D 306 59.35 14.66 14.86
C ILE D 306 59.87 13.49 15.70
N PRO D 307 60.91 13.70 16.50
CA PRO D 307 61.51 12.58 17.25
C PRO D 307 60.49 11.90 18.15
N GLU D 308 60.57 10.57 18.19
CA GLU D 308 59.56 9.73 18.85
C GLU D 308 59.80 9.72 20.35
N THR D 309 59.23 10.73 21.01
CA THR D 309 59.26 10.83 22.46
C THR D 309 57.86 10.57 23.01
N THR D 310 57.71 10.69 24.34
CA THR D 310 56.41 10.45 24.96
C THR D 310 55.36 11.46 24.49
N PHE D 311 55.76 12.72 24.32
CA PHE D 311 54.80 13.76 23.95
C PHE D 311 54.19 13.49 22.59
N GLN D 312 55.00 13.05 21.62
CA GLN D 312 54.48 12.73 20.30
C GLN D 312 53.45 11.61 20.37
N THR D 313 53.75 10.56 21.12
CA THR D 313 52.81 9.44 21.22
C THR D 313 51.51 9.85 21.91
N VAL D 314 51.62 10.63 22.99
CA VAL D 314 50.42 11.08 23.68
C VAL D 314 49.58 11.97 22.77
N SER D 315 50.23 12.88 22.03
CA SER D 315 49.48 13.75 21.13
C SER D 315 48.82 12.94 20.01
N TRP D 316 49.51 11.96 19.46
CA TRP D 316 48.93 11.16 18.38
C TRP D 316 47.73 10.37 18.88
N HIS D 317 47.83 9.77 20.08
CA HIS D 317 46.70 9.00 20.58
C HIS D 317 45.54 9.90 20.99
N PHE D 318 45.83 11.10 21.51
CA PHE D 318 44.77 12.06 21.78
C PHE D 318 44.06 12.45 20.49
N CYS D 319 44.81 12.66 19.42
CA CYS D 319 44.20 13.01 18.14
C CYS D 319 43.36 11.86 17.59
N ILE D 320 43.83 10.62 17.76
CA ILE D 320 43.05 9.47 17.29
C ILE D 320 41.76 9.35 18.10
N ALA D 321 41.83 9.52 19.42
CA ALA D 321 40.63 9.51 20.24
C ALA D 321 39.67 10.62 19.83
N LEU D 322 40.20 11.80 19.50
CA LEU D 322 39.35 12.88 19.01
C LEU D 322 38.70 12.50 17.69
N GLY D 323 39.44 11.83 16.81
CA GLY D 323 38.87 11.40 15.55
C GLY D 323 37.72 10.43 15.73
N TYR D 324 37.87 9.50 16.67
CA TYR D 324 36.77 8.57 16.95
C TYR D 324 35.67 9.21 17.78
N THR D 325 35.93 10.36 18.41
CA THR D 325 34.90 11.09 19.11
C THR D 325 33.78 11.51 18.15
N ASN D 326 34.13 11.81 16.89
CA ASN D 326 33.08 12.14 15.87
C ASN D 326 32.17 10.91 15.73
N SER D 327 32.75 9.72 15.64
CA SER D 327 31.96 8.47 15.50
C SER D 327 31.06 8.26 16.71
N CYS D 328 31.50 8.69 17.90
CA CYS D 328 30.71 8.49 19.14
C CYS D 328 29.64 9.58 19.26
N LEU D 329 29.90 10.76 18.70
CA LEU D 329 28.95 11.86 18.86
C LEU D 329 27.92 11.95 17.74
N ASN D 330 28.21 11.40 16.57
CA ASN D 330 27.24 11.45 15.47
C ASN D 330 25.88 10.85 15.84
N PRO D 331 25.78 9.72 16.53
CA PRO D 331 24.44 9.25 16.94
C PRO D 331 23.68 10.26 17.78
N VAL D 332 24.37 10.98 18.66
CA VAL D 332 23.70 11.95 19.51
C VAL D 332 23.22 13.14 18.70
N LEU D 333 24.08 13.67 17.82
CA LEU D 333 23.74 14.89 17.09
C LEU D 333 22.69 14.63 16.02
N TYR D 334 22.85 13.55 15.25
CA TYR D 334 22.00 13.33 14.10
C TYR D 334 20.73 12.56 14.42
N ALA D 335 20.76 11.66 15.40
CA ALA D 335 19.61 10.84 15.73
C ALA D 335 18.89 11.30 16.99
N PHE D 336 19.61 11.43 18.11
CA PHE D 336 18.95 11.81 19.35
C PHE D 336 18.45 13.25 19.34
N LEU D 337 18.91 14.07 18.39
CA LEU D 337 18.36 15.39 18.17
C LEU D 337 17.49 15.46 16.92
N ASP D 338 17.31 14.34 16.23
CA ASP D 338 16.32 14.25 15.17
C ASP D 338 14.94 14.41 15.78
N GLU D 339 14.22 15.46 15.36
CA GLU D 339 12.96 15.80 16.02
C GLU D 339 11.97 14.65 15.96
N ASN D 340 12.03 13.81 14.93
CA ASN D 340 11.20 12.61 14.92
C ASN D 340 11.55 11.70 16.08
N PHE D 341 12.85 11.53 16.36
CA PHE D 341 13.27 10.74 17.51
C PHE D 341 12.85 11.39 18.81
N LYS D 342 12.89 12.72 18.87
CA LYS D 342 12.45 13.43 20.07
C LYS D 342 10.97 13.18 20.33
N ARG D 343 10.14 13.29 19.29
CA ARG D 343 8.71 13.03 19.44
C ARG D 343 8.45 11.58 19.83
N CYS D 344 9.16 10.64 19.22
CA CYS D 344 9.00 9.24 19.60
C CYS D 344 9.50 8.99 21.02
N PHE D 345 10.40 9.83 21.52
CA PHE D 345 10.93 9.72 22.87
C PHE D 345 10.20 10.63 23.86
N ARG D 346 9.16 11.32 23.43
CA ARG D 346 8.41 12.22 24.30
C ARG D 346 6.93 12.24 23.91
N VAL E 2 -10.29 -11.55 -30.00
CA VAL E 2 -8.87 -11.32 -30.17
C VAL E 2 -8.42 -11.90 -31.51
N GLN E 3 -7.13 -11.75 -31.83
CA GLN E 3 -6.63 -12.16 -33.13
C GLN E 3 -5.10 -12.25 -33.07
N LEU E 4 -4.56 -13.35 -33.58
CA LEU E 4 -3.13 -13.50 -33.77
C LEU E 4 -2.88 -13.93 -35.21
N VAL E 5 -2.01 -13.20 -35.92
CA VAL E 5 -1.77 -13.48 -37.33
C VAL E 5 -0.35 -13.97 -37.52
N GLU E 6 0.01 -14.34 -38.75
CA GLU E 6 1.29 -14.94 -39.05
C GLU E 6 1.92 -14.25 -40.25
N SER E 7 3.25 -14.26 -40.29
CA SER E 7 3.99 -13.68 -41.40
C SER E 7 5.45 -14.11 -41.37
N GLY E 8 5.98 -14.59 -42.49
CA GLY E 8 7.38 -14.93 -42.58
C GLY E 8 7.67 -16.31 -43.13
N GLY E 9 6.66 -16.98 -43.68
CA GLY E 9 6.84 -18.33 -44.18
C GLY E 9 7.59 -18.39 -45.51
N GLY E 10 7.32 -19.42 -46.29
CA GLY E 10 7.94 -19.57 -47.59
C GLY E 10 9.11 -20.54 -47.57
N LEU E 11 9.44 -21.06 -48.76
CA LEU E 11 10.53 -22.00 -48.90
C LEU E 11 11.86 -21.32 -48.62
N VAL E 12 12.74 -22.02 -47.89
CA VAL E 12 14.01 -21.46 -47.45
C VAL E 12 15.13 -22.44 -47.75
N GLN E 13 16.23 -21.93 -48.27
CA GLN E 13 17.43 -22.74 -48.44
C GLN E 13 18.03 -23.03 -47.07
N PRO E 14 18.32 -24.30 -46.76
CA PRO E 14 18.89 -24.63 -45.44
C PRO E 14 20.23 -23.95 -45.21
N GLY E 15 20.52 -23.68 -43.95
CA GLY E 15 21.68 -22.91 -43.56
C GLY E 15 21.50 -21.42 -43.63
N GLY E 16 20.32 -20.94 -44.01
CA GLY E 16 20.03 -19.52 -44.09
C GLY E 16 19.42 -18.98 -42.81
N SER E 17 18.64 -17.91 -42.96
CA SER E 17 17.98 -17.29 -41.82
C SER E 17 16.66 -16.72 -42.27
N ARG E 18 15.73 -16.61 -41.33
CA ARG E 18 14.39 -16.10 -41.62
C ARG E 18 13.74 -15.68 -40.30
N LYS E 19 12.93 -14.64 -40.37
CA LYS E 19 12.26 -14.09 -39.20
C LYS E 19 10.75 -14.26 -39.32
N LEU E 20 10.13 -14.75 -38.25
CA LEU E 20 8.68 -14.89 -38.19
C LEU E 20 8.11 -13.80 -37.28
N SER E 21 7.06 -13.15 -37.76
CA SER E 21 6.43 -12.07 -37.02
C SER E 21 4.99 -12.45 -36.69
N CYS E 22 4.60 -12.22 -35.44
CA CYS E 22 3.26 -12.50 -34.94
C CYS E 22 2.73 -11.20 -34.33
N SER E 23 1.87 -10.50 -35.07
CA SER E 23 1.32 -9.22 -34.62
C SER E 23 -0.06 -9.46 -34.03
N ALA E 24 -0.22 -9.12 -32.75
CA ALA E 24 -1.45 -9.38 -32.01
C ALA E 24 -2.31 -8.13 -31.99
N SER E 25 -3.60 -8.31 -32.30
CA SER E 25 -4.54 -7.20 -32.32
C SER E 25 -5.83 -7.66 -31.67
N GLY E 26 -6.12 -7.14 -30.48
CA GLY E 26 -7.39 -7.44 -29.84
C GLY E 26 -7.29 -7.74 -28.36
N PHE E 27 -6.09 -7.64 -27.78
CA PHE E 27 -5.92 -7.88 -26.36
C PHE E 27 -4.70 -7.14 -25.86
N ALA E 28 -4.56 -7.07 -24.54
CA ALA E 28 -3.45 -6.38 -23.89
C ALA E 28 -2.20 -7.22 -24.06
N PHE E 29 -1.52 -7.02 -25.19
CA PHE E 29 -0.36 -7.85 -25.54
C PHE E 29 0.76 -7.71 -24.52
N SER E 30 0.87 -6.56 -23.86
CA SER E 30 1.96 -6.33 -22.93
C SER E 30 1.82 -7.10 -21.63
N SER E 31 0.67 -7.74 -21.40
CA SER E 31 0.44 -8.49 -20.16
C SER E 31 0.53 -9.99 -20.34
N PHE E 32 0.57 -10.48 -21.57
CA PHE E 32 0.58 -11.91 -21.86
C PHE E 32 1.98 -12.38 -22.18
N GLY E 33 2.41 -13.47 -21.57
CA GLY E 33 3.56 -14.19 -22.08
C GLY E 33 3.20 -14.93 -23.35
N MET E 34 4.17 -15.03 -24.26
CA MET E 34 3.89 -15.61 -25.56
C MET E 34 4.86 -16.74 -25.87
N HIS E 35 4.31 -17.82 -26.41
CA HIS E 35 5.08 -19.00 -26.79
C HIS E 35 5.07 -19.16 -28.30
N TRP E 36 6.08 -19.84 -28.81
CA TRP E 36 6.08 -20.32 -30.19
C TRP E 36 6.05 -21.84 -30.17
N VAL E 37 5.10 -22.41 -30.90
CA VAL E 37 4.93 -23.86 -30.98
C VAL E 37 4.88 -24.24 -32.44
N ARG E 38 5.63 -25.28 -32.80
CA ARG E 38 5.73 -25.72 -34.19
C ARG E 38 5.19 -27.14 -34.33
N GLN E 39 4.72 -27.46 -35.54
CA GLN E 39 4.13 -28.76 -35.83
C GLN E 39 4.67 -29.24 -37.17
N ALA E 40 5.50 -30.28 -37.13
CA ALA E 40 6.05 -30.83 -38.35
C ALA E 40 4.96 -31.49 -39.18
N PRO E 41 5.13 -31.56 -40.51
CA PRO E 41 4.08 -32.14 -41.35
C PRO E 41 3.73 -33.58 -40.99
N GLU E 42 4.71 -34.38 -40.60
CA GLU E 42 4.48 -35.79 -40.28
C GLU E 42 4.41 -36.05 -38.78
N LYS E 43 4.47 -35.01 -37.95
CA LYS E 43 4.51 -35.19 -36.50
C LYS E 43 3.46 -34.33 -35.80
N GLY E 44 3.53 -34.28 -34.47
CA GLY E 44 2.63 -33.48 -33.67
C GLY E 44 3.29 -32.21 -33.15
N LEU E 45 2.60 -31.56 -32.23
CA LEU E 45 3.05 -30.28 -31.72
C LEU E 45 4.32 -30.44 -30.90
N GLU E 46 5.15 -29.39 -30.91
CA GLU E 46 6.41 -29.38 -30.17
C GLU E 46 6.71 -27.95 -29.75
N TRP E 47 7.17 -27.80 -28.51
CA TRP E 47 7.50 -26.49 -27.98
C TRP E 47 8.78 -25.95 -28.59
N VAL E 48 8.85 -24.62 -28.73
CA VAL E 48 10.02 -23.99 -29.35
C VAL E 48 10.63 -22.93 -28.45
N ALA E 49 9.84 -21.94 -28.06
CA ALA E 49 10.39 -20.80 -27.31
C ALA E 49 9.29 -20.14 -26.51
N TYR E 50 9.69 -19.23 -25.62
CA TYR E 50 8.75 -18.54 -24.75
C TYR E 50 9.35 -17.24 -24.24
N ILE E 51 8.51 -16.22 -24.13
CA ILE E 51 8.87 -14.95 -23.51
C ILE E 51 7.84 -14.63 -22.44
N SER E 52 8.30 -14.15 -21.30
CA SER E 52 7.40 -13.74 -20.24
C SER E 52 6.82 -12.37 -20.57
N SER E 53 6.07 -11.79 -19.63
CA SER E 53 5.53 -10.45 -19.80
C SER E 53 6.61 -9.44 -19.43
N GLY E 54 6.92 -8.54 -20.36
CA GLY E 54 8.01 -7.62 -20.16
C GLY E 54 9.37 -8.16 -20.54
N SER E 55 9.44 -9.32 -21.18
CA SER E 55 10.69 -9.90 -21.66
C SER E 55 11.67 -10.19 -20.53
N GLY E 56 11.16 -10.44 -19.33
CA GLY E 56 12.02 -10.72 -18.20
C GLY E 56 12.53 -12.14 -18.09
N THR E 57 12.06 -13.04 -18.95
CA THR E 57 12.48 -14.44 -18.91
C THR E 57 12.24 -15.06 -20.28
N ILE E 58 13.26 -15.72 -20.82
CA ILE E 58 13.19 -16.33 -22.13
C ILE E 58 13.71 -17.76 -22.03
N TYR E 59 13.00 -18.70 -22.64
CA TYR E 59 13.37 -20.10 -22.63
C TYR E 59 13.32 -20.65 -24.05
N TYR E 60 14.13 -21.67 -24.32
CA TYR E 60 14.15 -22.33 -25.61
C TYR E 60 14.17 -23.84 -25.43
N ALA E 61 13.65 -24.54 -26.42
CA ALA E 61 13.84 -25.98 -26.49
C ALA E 61 15.28 -26.29 -26.87
N ASP E 62 15.74 -27.47 -26.45
CA ASP E 62 17.14 -27.84 -26.69
C ASP E 62 17.45 -27.98 -28.17
N THR E 63 16.46 -28.37 -28.97
CA THR E 63 16.69 -28.56 -30.40
C THR E 63 16.83 -27.24 -31.16
N VAL E 64 16.48 -26.11 -30.56
CA VAL E 64 16.57 -24.82 -31.23
C VAL E 64 17.30 -23.83 -30.35
N LYS E 65 17.84 -24.30 -29.22
CA LYS E 65 18.50 -23.41 -28.29
C LYS E 65 19.74 -22.80 -28.92
N GLY E 66 19.91 -21.49 -28.74
CA GLY E 66 21.03 -20.78 -29.35
C GLY E 66 20.87 -20.42 -30.81
N ARG E 67 20.43 -21.36 -31.64
CA ARG E 67 20.24 -21.08 -33.05
C ARG E 67 19.13 -20.06 -33.26
N PHE E 68 18.05 -20.16 -32.49
CA PHE E 68 16.90 -19.28 -32.63
C PHE E 68 17.04 -18.09 -31.69
N THR E 69 16.12 -17.14 -31.84
CA THR E 69 16.06 -15.97 -30.97
C THR E 69 14.66 -15.39 -31.03
N ILE E 70 13.99 -15.34 -29.88
CA ILE E 70 12.62 -14.87 -29.77
C ILE E 70 12.62 -13.50 -29.10
N SER E 71 11.83 -12.58 -29.65
CA SER E 71 11.76 -11.23 -29.13
C SER E 71 10.38 -10.66 -29.41
N ARG E 72 10.00 -9.66 -28.62
CA ARG E 72 8.68 -9.05 -28.72
C ARG E 72 8.82 -7.54 -28.76
N ASP E 73 7.91 -6.89 -29.47
CA ASP E 73 7.84 -5.43 -29.54
C ASP E 73 6.50 -5.01 -28.94
N ASP E 74 6.51 -4.73 -27.64
CA ASP E 74 5.26 -4.41 -26.95
C ASP E 74 4.57 -3.17 -27.50
N PRO E 75 5.24 -2.03 -27.75
CA PRO E 75 4.52 -0.89 -28.31
C PRO E 75 3.87 -1.17 -29.66
N LYS E 76 4.49 -1.99 -30.50
CA LYS E 76 3.92 -2.32 -31.80
C LYS E 76 2.99 -3.53 -31.76
N ASN E 77 2.92 -4.24 -30.64
CA ASN E 77 2.10 -5.44 -30.49
C ASN E 77 2.47 -6.47 -31.56
N THR E 78 3.74 -6.89 -31.53
CA THR E 78 4.25 -7.86 -32.48
C THR E 78 5.32 -8.71 -31.81
N LEU E 79 5.30 -10.01 -32.12
CA LEU E 79 6.22 -10.97 -31.53
C LEU E 79 7.09 -11.56 -32.64
N PHE E 80 8.40 -11.55 -32.44
CA PHE E 80 9.37 -11.98 -33.45
C PHE E 80 10.09 -13.25 -33.01
N LEU E 81 10.22 -14.18 -33.95
CA LEU E 81 11.13 -15.32 -33.81
C LEU E 81 12.18 -15.19 -34.90
N GLN E 82 13.45 -15.11 -34.48
CA GLN E 82 14.57 -14.95 -35.39
C GLN E 82 15.35 -16.26 -35.41
N MET E 83 15.31 -16.96 -36.54
CA MET E 83 15.99 -18.24 -36.68
C MET E 83 17.22 -18.07 -37.55
N THR E 84 18.35 -18.59 -37.08
CA THR E 84 19.61 -18.55 -37.80
C THR E 84 20.13 -19.97 -37.99
N SER E 85 20.69 -20.23 -39.17
CA SER E 85 21.24 -21.54 -39.52
C SER E 85 20.17 -22.63 -39.42
N LEU E 86 19.14 -22.49 -40.26
CA LEU E 86 18.07 -23.47 -40.31
C LEU E 86 18.58 -24.79 -40.88
N ARG E 87 17.83 -25.86 -40.61
CA ARG E 87 18.12 -27.18 -41.13
C ARG E 87 16.83 -27.83 -41.59
N SER E 88 16.96 -28.99 -42.25
CA SER E 88 15.82 -29.64 -42.86
C SER E 88 14.81 -30.14 -41.84
N GLU E 89 15.19 -30.29 -40.58
CA GLU E 89 14.26 -30.74 -39.55
C GLU E 89 13.38 -29.63 -39.03
N ASP E 90 13.63 -28.38 -39.39
CA ASP E 90 12.85 -27.25 -38.91
C ASP E 90 11.66 -26.93 -39.81
N THR E 91 11.44 -27.68 -40.88
CA THR E 91 10.23 -27.49 -41.67
C THR E 91 9.02 -27.91 -40.85
N ALA E 92 8.10 -26.97 -40.66
CA ALA E 92 6.95 -27.17 -39.77
C ALA E 92 5.96 -26.05 -40.04
N MET E 93 4.98 -25.91 -39.17
CA MET E 93 4.07 -24.78 -39.18
C MET E 93 4.04 -24.18 -37.79
N TYR E 94 4.47 -22.92 -37.68
CA TYR E 94 4.78 -22.29 -36.41
C TYR E 94 3.57 -21.54 -35.89
N TYR E 95 3.02 -21.98 -34.76
CA TYR E 95 1.91 -21.29 -34.12
C TYR E 95 2.44 -20.28 -33.11
N CYS E 96 1.60 -19.29 -32.81
CA CYS E 96 1.94 -18.20 -31.91
C CYS E 96 0.89 -18.19 -30.80
N VAL E 97 1.30 -18.58 -29.60
CA VAL E 97 0.38 -18.95 -28.53
C VAL E 97 0.36 -17.87 -27.46
N ARG E 98 -0.84 -17.44 -27.08
CA ARG E 98 -1.01 -16.52 -25.98
C ARG E 98 -0.96 -17.28 -24.64
N SER E 99 -0.49 -16.61 -23.60
CA SER E 99 -0.40 -17.26 -22.29
C SER E 99 -0.24 -16.22 -21.20
N ILE E 100 -1.13 -16.22 -20.22
CA ILE E 100 -1.03 -15.34 -19.07
C ILE E 100 -1.01 -16.18 -17.80
N TYR E 101 -0.11 -15.86 -16.89
CA TYR E 101 0.11 -16.65 -15.69
C TYR E 101 -0.24 -15.83 -14.45
N TYR E 102 -1.33 -16.22 -13.79
CA TYR E 102 -1.66 -15.74 -12.45
C TYR E 102 -2.58 -16.79 -11.84
N TYR E 103 -2.88 -16.62 -10.55
CA TYR E 103 -3.70 -17.60 -9.86
C TYR E 103 -5.07 -17.66 -10.51
N GLY E 104 -5.43 -18.85 -10.99
CA GLY E 104 -6.71 -19.05 -11.66
C GLY E 104 -6.74 -18.70 -13.12
N SER E 105 -5.60 -18.36 -13.71
CA SER E 105 -5.56 -18.04 -15.13
C SER E 105 -5.71 -19.29 -15.96
N SER E 106 -5.81 -19.10 -17.28
CA SER E 106 -5.96 -20.20 -18.24
C SER E 106 -4.92 -20.02 -19.33
N PRO E 107 -3.67 -20.39 -19.06
CA PRO E 107 -2.61 -20.23 -20.06
C PRO E 107 -2.84 -21.12 -21.26
N PHE E 108 -2.22 -20.74 -22.38
CA PHE E 108 -2.31 -21.43 -23.66
C PHE E 108 -3.72 -21.42 -24.23
N ASP E 109 -4.54 -20.41 -23.90
CA ASP E 109 -5.95 -20.44 -24.26
C ASP E 109 -6.15 -20.14 -25.75
N PHE E 110 -5.43 -19.18 -26.30
CA PHE E 110 -5.59 -18.77 -27.68
C PHE E 110 -4.36 -19.12 -28.49
N TRP E 111 -4.57 -19.67 -29.69
CA TRP E 111 -3.50 -20.07 -30.59
C TRP E 111 -3.65 -19.31 -31.91
N GLY E 112 -2.55 -18.75 -32.39
CA GLY E 112 -2.58 -18.06 -33.66
C GLY E 112 -2.83 -19.00 -34.82
N GLN E 113 -3.05 -18.40 -35.99
CA GLN E 113 -3.31 -19.21 -37.17
C GLN E 113 -2.06 -19.90 -37.69
N GLY E 114 -0.89 -19.33 -37.45
CA GLY E 114 0.36 -20.01 -37.74
C GLY E 114 0.84 -19.89 -39.18
N THR E 115 2.14 -19.73 -39.34
CA THR E 115 2.78 -19.69 -40.65
C THR E 115 3.44 -21.02 -40.96
N THR E 116 3.71 -21.26 -42.23
CA THR E 116 4.08 -22.59 -42.71
C THR E 116 5.47 -22.66 -43.33
N LEU E 117 6.45 -22.08 -42.65
CA LEU E 117 7.82 -22.07 -43.15
C LEU E 117 8.30 -23.48 -43.50
N THR E 118 8.92 -23.59 -44.68
CA THR E 118 9.47 -24.84 -45.18
C THR E 118 10.95 -24.64 -45.48
N VAL E 119 11.76 -25.64 -45.12
CA VAL E 119 13.19 -25.62 -45.40
C VAL E 119 13.51 -26.81 -46.29
N SER E 120 14.08 -26.53 -47.46
CA SER E 120 14.37 -27.57 -48.44
C SER E 120 15.62 -28.35 -48.05
N SER E 121 16.02 -29.26 -48.92
CA SER E 121 17.20 -30.09 -48.67
C SER E 121 17.79 -30.60 -49.98
N SER E 136 15.62 -35.53 -18.36
CA SER E 136 15.03 -34.41 -17.64
C SER E 136 13.85 -33.82 -18.40
N ASP E 137 13.47 -34.48 -19.50
CA ASP E 137 12.35 -34.05 -20.33
C ASP E 137 11.20 -35.02 -20.10
N ILE E 138 10.12 -34.52 -19.49
CA ILE E 138 8.96 -35.34 -19.19
C ILE E 138 8.33 -35.84 -20.47
N VAL E 139 8.41 -37.14 -20.71
CA VAL E 139 7.90 -37.75 -21.94
C VAL E 139 6.51 -38.31 -21.67
N MET E 140 5.58 -38.04 -22.58
CA MET E 140 4.23 -38.58 -22.48
C MET E 140 3.90 -39.45 -23.68
N THR E 141 3.05 -40.44 -23.43
CA THR E 141 2.63 -41.40 -24.44
C THR E 141 1.12 -41.43 -24.52
N GLN E 142 0.60 -41.61 -25.73
CA GLN E 142 -0.82 -41.81 -25.97
C GLN E 142 -0.97 -43.06 -26.81
N ALA E 143 -1.24 -44.19 -26.15
CA ALA E 143 -1.19 -45.49 -26.84
C ALA E 143 -2.23 -45.55 -27.96
N THR E 144 -3.45 -45.10 -27.68
CA THR E 144 -4.51 -45.12 -28.70
C THR E 144 -4.23 -44.00 -29.68
N SER E 145 -3.45 -44.30 -30.71
CA SER E 145 -3.11 -43.29 -31.70
C SER E 145 -4.33 -42.83 -32.49
N SER E 146 -5.29 -43.71 -32.70
CA SER E 146 -6.51 -43.36 -33.41
C SER E 146 -7.61 -44.33 -33.02
N VAL E 147 -8.86 -43.89 -33.19
CA VAL E 147 -10.02 -44.73 -32.89
C VAL E 147 -11.25 -44.17 -33.60
N PRO E 148 -12.01 -44.98 -34.32
CA PRO E 148 -13.23 -44.50 -34.96
C PRO E 148 -14.45 -44.68 -34.08
N VAL E 149 -15.33 -43.68 -34.11
CA VAL E 149 -16.51 -43.62 -33.27
C VAL E 149 -17.65 -42.98 -34.05
N THR E 150 -18.82 -42.91 -33.43
CA THR E 150 -20.02 -42.33 -34.01
C THR E 150 -20.60 -41.30 -33.06
N PRO E 151 -21.34 -40.31 -33.57
CA PRO E 151 -21.88 -39.28 -32.70
C PRO E 151 -22.79 -39.86 -31.62
N GLY E 152 -22.72 -39.28 -30.43
CA GLY E 152 -23.46 -39.71 -29.28
C GLY E 152 -22.73 -40.67 -28.35
N GLU E 153 -21.67 -41.32 -28.86
CA GLU E 153 -20.92 -42.26 -28.04
C GLU E 153 -20.04 -41.52 -27.04
N SER E 154 -19.92 -42.09 -25.85
CA SER E 154 -19.02 -41.55 -24.83
C SER E 154 -17.64 -42.16 -25.03
N VAL E 155 -16.64 -41.30 -25.22
CA VAL E 155 -15.30 -41.73 -25.59
C VAL E 155 -14.31 -41.21 -24.56
N SER E 156 -13.33 -42.05 -24.22
CA SER E 156 -12.30 -41.71 -23.24
C SER E 156 -10.94 -41.70 -23.91
N ILE E 157 -10.15 -40.66 -23.64
CA ILE E 157 -8.78 -40.54 -24.13
C ILE E 157 -7.86 -40.44 -22.93
N SER E 158 -6.81 -41.25 -22.91
CA SER E 158 -5.93 -41.38 -21.76
C SER E 158 -4.53 -40.91 -22.10
N CYS E 159 -3.92 -40.21 -21.14
CA CYS E 159 -2.55 -39.72 -21.25
C CYS E 159 -1.72 -40.28 -20.11
N ARG E 160 -0.53 -40.78 -20.44
CA ARG E 160 0.35 -41.41 -19.45
C ARG E 160 1.64 -40.60 -19.39
N SER E 161 1.88 -39.95 -18.26
CA SER E 161 3.07 -39.14 -18.09
C SER E 161 4.26 -40.02 -17.72
N SER E 162 5.38 -39.40 -17.37
CA SER E 162 6.56 -40.11 -16.91
C SER E 162 7.15 -39.52 -15.64
N LYS E 163 6.52 -38.47 -15.09
CA LYS E 163 6.95 -37.88 -13.83
C LYS E 163 5.70 -37.38 -13.11
N SER E 164 5.76 -37.34 -11.79
CA SER E 164 4.61 -36.91 -11.00
C SER E 164 4.30 -35.45 -11.26
N LEU E 165 3.23 -35.19 -12.02
CA LEU E 165 2.85 -33.83 -12.35
C LEU E 165 2.17 -33.10 -11.21
N LEU E 166 1.74 -33.82 -10.18
CA LEU E 166 1.09 -33.21 -9.02
C LEU E 166 2.15 -32.48 -8.20
N HIS E 167 2.18 -31.15 -8.31
CA HIS E 167 3.13 -30.35 -7.56
C HIS E 167 2.78 -30.37 -6.08
N SER E 168 3.60 -29.70 -5.28
CA SER E 168 3.37 -29.64 -3.84
C SER E 168 2.06 -28.95 -3.52
N ASN E 169 1.72 -27.89 -4.27
CA ASN E 169 0.53 -27.09 -3.99
C ASN E 169 -0.74 -27.72 -4.52
N GLY E 170 -0.72 -29.00 -4.88
CA GLY E 170 -1.93 -29.71 -5.25
C GLY E 170 -2.41 -29.48 -6.67
N ASN E 171 -1.68 -28.71 -7.47
CA ASN E 171 -2.08 -28.41 -8.84
C ASN E 171 -1.34 -29.34 -9.79
N THR E 172 -2.06 -30.29 -10.38
CA THR E 172 -1.49 -31.13 -11.43
C THR E 172 -1.47 -30.33 -12.72
N TYR E 173 -0.28 -30.05 -13.23
CA TYR E 173 -0.13 -29.20 -14.42
C TYR E 173 -0.23 -30.08 -15.65
N LEU E 174 -1.42 -30.18 -16.21
CA LEU E 174 -1.61 -30.91 -17.46
C LEU E 174 -2.76 -30.30 -18.23
N TYR E 175 -2.53 -30.06 -19.52
CA TYR E 175 -3.47 -29.36 -20.39
C TYR E 175 -3.88 -30.27 -21.53
N TRP E 176 -5.11 -30.12 -22.00
CA TRP E 176 -5.64 -30.90 -23.11
C TRP E 176 -6.06 -29.96 -24.23
N PHE E 177 -5.53 -30.18 -25.42
CA PHE E 177 -5.85 -29.37 -26.60
C PHE E 177 -6.55 -30.21 -27.65
N LEU E 178 -7.33 -29.55 -28.49
CA LEU E 178 -8.03 -30.18 -29.59
C LEU E 178 -7.69 -29.46 -30.88
N GLN E 179 -7.30 -30.21 -31.91
CA GLN E 179 -6.93 -29.66 -33.20
C GLN E 179 -7.91 -30.16 -34.25
N ARG E 180 -8.83 -29.30 -34.66
CA ARG E 180 -9.76 -29.63 -35.72
C ARG E 180 -9.01 -29.79 -37.04
N PRO E 181 -9.56 -30.54 -37.99
CA PRO E 181 -8.87 -30.74 -39.27
C PRO E 181 -8.61 -29.41 -39.96
N GLY E 182 -7.33 -29.12 -40.19
CA GLY E 182 -6.92 -27.89 -40.82
C GLY E 182 -7.21 -26.65 -40.00
N GLN E 183 -7.00 -26.69 -38.69
CA GLN E 183 -7.24 -25.56 -37.82
C GLN E 183 -6.20 -25.54 -36.72
N SER E 184 -6.02 -24.38 -36.11
CA SER E 184 -5.11 -24.27 -34.99
C SER E 184 -5.73 -24.90 -33.74
N PRO E 185 -4.93 -25.52 -32.89
CA PRO E 185 -5.49 -26.18 -31.71
C PRO E 185 -6.04 -25.16 -30.71
N GLN E 186 -6.98 -25.64 -29.89
CA GLN E 186 -7.62 -24.80 -28.89
C GLN E 186 -7.60 -25.50 -27.54
N LEU E 187 -7.52 -24.71 -26.48
CA LEU E 187 -7.44 -25.25 -25.14
C LEU E 187 -8.79 -25.81 -24.72
N LEU E 188 -8.80 -27.06 -24.28
CA LEU E 188 -10.02 -27.72 -23.79
C LEU E 188 -10.06 -27.80 -22.27
N ILE E 189 -8.92 -28.07 -21.63
CA ILE E 189 -8.84 -28.29 -20.20
C ILE E 189 -7.47 -27.84 -19.72
N TYR E 190 -7.45 -27.05 -18.65
CA TYR E 190 -6.20 -26.57 -18.07
C TYR E 190 -6.10 -27.04 -16.62
N ARG E 191 -4.93 -27.56 -16.26
CA ARG E 191 -4.67 -28.15 -14.94
C ARG E 191 -5.55 -29.36 -14.67
N MET E 192 -5.85 -30.10 -15.75
CA MET E 192 -6.39 -31.46 -15.70
C MET E 192 -7.87 -31.51 -15.27
N SER E 193 -8.41 -30.41 -14.79
CA SER E 193 -9.81 -30.45 -14.33
C SER E 193 -10.66 -29.28 -14.76
N ASN E 194 -10.09 -28.12 -15.10
CA ASN E 194 -10.86 -26.90 -15.34
C ASN E 194 -11.10 -26.72 -16.82
N LEU E 195 -12.35 -26.45 -17.19
CA LEU E 195 -12.71 -26.24 -18.58
C LEU E 195 -12.35 -24.83 -19.02
N ALA E 196 -11.99 -24.70 -20.30
CA ALA E 196 -11.66 -23.41 -20.87
C ALA E 196 -12.93 -22.61 -21.15
N SER E 197 -12.75 -21.32 -21.39
CA SER E 197 -13.87 -20.41 -21.62
C SER E 197 -14.43 -20.65 -23.02
N GLY E 198 -15.67 -21.11 -23.09
CA GLY E 198 -16.32 -21.41 -24.35
C GLY E 198 -16.39 -22.87 -24.70
N VAL E 199 -15.65 -23.72 -24.01
CA VAL E 199 -15.68 -25.16 -24.26
C VAL E 199 -16.97 -25.73 -23.68
N PRO E 200 -17.74 -26.51 -24.44
CA PRO E 200 -18.98 -27.08 -23.90
C PRO E 200 -18.69 -27.99 -22.72
N ASP E 201 -19.63 -28.00 -21.77
CA ASP E 201 -19.47 -28.72 -20.51
C ASP E 201 -19.49 -30.24 -20.67
N ARG E 202 -19.56 -30.77 -21.89
CA ARG E 202 -19.51 -32.21 -22.07
C ARG E 202 -18.10 -32.76 -21.88
N PHE E 203 -17.08 -31.96 -22.20
CA PHE E 203 -15.71 -32.38 -21.95
C PHE E 203 -15.43 -32.41 -20.44
N SER E 204 -14.59 -33.36 -20.02
CA SER E 204 -14.23 -33.47 -18.62
C SER E 204 -12.88 -34.15 -18.50
N GLY E 205 -12.15 -33.78 -17.46
CA GLY E 205 -10.84 -34.34 -17.22
C GLY E 205 -10.66 -34.73 -15.77
N SER E 206 -9.88 -35.78 -15.55
CA SER E 206 -9.68 -36.31 -14.20
C SER E 206 -8.37 -37.10 -14.19
N GLY E 207 -8.14 -37.81 -13.09
CA GLY E 207 -6.95 -38.60 -12.91
C GLY E 207 -6.02 -38.00 -11.86
N SER E 208 -4.93 -38.72 -11.62
CA SER E 208 -3.90 -38.31 -10.68
C SER E 208 -2.60 -38.12 -11.43
N GLY E 209 -1.51 -37.93 -10.69
CA GLY E 209 -0.21 -37.82 -11.30
C GLY E 209 0.15 -39.06 -12.09
N THR E 210 0.75 -38.86 -13.27
CA THR E 210 1.20 -39.92 -14.18
C THR E 210 0.06 -40.81 -14.68
N ALA E 211 -1.19 -40.42 -14.49
CA ALA E 211 -2.32 -41.19 -15.01
C ALA E 211 -3.48 -40.23 -15.21
N PHE E 212 -3.74 -39.86 -16.46
CA PHE E 212 -4.72 -38.82 -16.78
C PHE E 212 -5.70 -39.33 -17.82
N THR E 213 -6.89 -38.74 -17.83
CA THR E 213 -7.97 -39.19 -18.69
C THR E 213 -8.81 -38.01 -19.12
N LEU E 214 -9.18 -38.00 -20.40
CA LEU E 214 -10.11 -37.02 -20.96
C LEU E 214 -11.38 -37.75 -21.35
N THR E 215 -12.51 -37.32 -20.80
CA THR E 215 -13.79 -37.97 -21.04
C THR E 215 -14.70 -37.04 -21.82
N ILE E 216 -15.27 -37.55 -22.91
CA ILE E 216 -16.20 -36.81 -23.75
C ILE E 216 -17.52 -37.57 -23.75
N SER E 217 -18.59 -36.89 -23.33
CA SER E 217 -19.93 -37.47 -23.36
C SER E 217 -20.74 -36.83 -24.48
N ARG E 218 -21.69 -37.60 -25.00
CA ARG E 218 -22.49 -37.25 -26.18
C ARG E 218 -21.64 -36.56 -27.24
N LEU E 219 -20.62 -37.29 -27.70
CA LEU E 219 -19.76 -36.82 -28.76
C LEU E 219 -20.57 -36.62 -30.04
N GLU E 220 -20.13 -35.69 -30.88
CA GLU E 220 -20.81 -35.37 -32.12
C GLU E 220 -19.76 -35.03 -33.17
N ALA E 221 -20.25 -34.60 -34.34
CA ALA E 221 -19.36 -34.12 -35.38
C ALA E 221 -18.71 -32.81 -34.95
N GLU E 222 -17.85 -32.28 -35.83
CA GLU E 222 -17.08 -31.05 -35.63
C GLU E 222 -16.34 -31.06 -34.29
N ASP E 223 -16.23 -32.23 -33.67
CA ASP E 223 -15.42 -32.44 -32.49
C ASP E 223 -14.35 -33.50 -32.73
N VAL E 224 -14.23 -33.98 -33.96
CA VAL E 224 -13.25 -35.01 -34.30
C VAL E 224 -11.98 -34.32 -34.77
N GLY E 225 -10.85 -34.71 -34.20
CA GLY E 225 -9.57 -34.14 -34.54
C GLY E 225 -8.45 -34.89 -33.87
N VAL E 226 -7.40 -34.19 -33.48
CA VAL E 226 -6.28 -34.78 -32.76
C VAL E 226 -6.20 -34.13 -31.39
N TYR E 227 -6.25 -34.95 -30.35
CA TYR E 227 -6.27 -34.47 -28.97
C TYR E 227 -4.86 -34.57 -28.40
N TYR E 228 -4.31 -33.43 -27.99
CA TYR E 228 -2.94 -33.35 -27.50
C TYR E 228 -2.94 -33.21 -25.98
N CYS E 229 -1.83 -33.63 -25.37
CA CYS E 229 -1.70 -33.69 -23.93
C CYS E 229 -0.36 -33.06 -23.54
N MET E 230 -0.42 -31.92 -22.86
CA MET E 230 0.75 -31.14 -22.53
C MET E 230 0.92 -31.07 -21.01
N GLN E 231 2.17 -30.95 -20.57
CA GLN E 231 2.46 -30.60 -19.19
C GLN E 231 2.97 -29.18 -19.11
N HIS E 232 2.93 -28.62 -17.90
CA HIS E 232 3.51 -27.30 -17.67
C HIS E 232 4.29 -27.28 -16.36
N LEU E 233 4.67 -28.46 -15.85
CA LEU E 233 5.38 -28.54 -14.58
C LEU E 233 6.74 -27.87 -14.65
N GLU E 234 7.49 -28.11 -15.73
CA GLU E 234 8.80 -27.49 -15.89
C GLU E 234 9.19 -27.52 -17.35
N TYR E 235 9.90 -26.48 -17.78
CA TYR E 235 10.38 -26.41 -19.14
C TYR E 235 11.52 -27.41 -19.34
N PRO E 236 11.68 -27.96 -20.57
CA PRO E 236 10.91 -27.65 -21.77
C PRO E 236 9.54 -28.32 -21.81
N LEU E 237 8.54 -27.57 -22.26
CA LEU E 237 7.19 -28.07 -22.33
C LEU E 237 7.10 -29.18 -23.36
N THR E 238 6.40 -30.25 -23.02
CA THR E 238 6.32 -31.42 -23.89
C THR E 238 4.88 -31.77 -24.18
N PHE E 239 4.57 -32.00 -25.45
CA PHE E 239 3.25 -32.44 -25.87
C PHE E 239 3.21 -33.96 -25.99
N GLY E 240 2.06 -34.49 -26.35
CA GLY E 240 1.91 -35.90 -26.62
C GLY E 240 1.83 -36.18 -28.11
N ALA E 241 1.82 -37.48 -28.45
CA ALA E 241 1.71 -37.88 -29.85
C ALA E 241 0.40 -37.42 -30.46
N GLY E 242 -0.70 -37.55 -29.72
CA GLY E 242 -1.98 -37.04 -30.17
C GLY E 242 -2.95 -38.11 -30.63
N THR E 243 -3.93 -38.42 -29.79
CA THR E 243 -4.98 -39.36 -30.17
C THR E 243 -5.90 -38.71 -31.19
N LYS E 244 -6.18 -39.43 -32.28
CA LYS E 244 -6.99 -38.92 -33.37
C LYS E 244 -8.37 -39.58 -33.33
N LEU E 245 -9.41 -38.76 -33.39
CA LEU E 245 -10.78 -39.25 -33.50
C LEU E 245 -11.27 -39.15 -34.93
N GLU E 246 -12.19 -40.03 -35.30
CA GLU E 246 -12.70 -40.08 -36.66
C GLU E 246 -14.08 -40.73 -36.65
N LEU E 247 -14.84 -40.46 -37.69
CA LEU E 247 -16.21 -40.97 -37.79
C LEU E 247 -16.28 -42.17 -38.74
C01 L0X F . 44.46 10.73 8.39
C02 L0X F . 43.54 9.97 9.33
C03 L0X F . 44.20 8.60 9.66
O04 L0X F . 45.38 8.45 9.44
N05 L0X F . 43.42 7.50 10.21
C06 L0X F . 41.98 7.65 10.48
C07 L0X F . 41.77 8.28 11.90
C08 L0X F . 40.82 7.38 12.71
C09 L0X F . 39.45 8.14 12.98
C10 L0X F . 38.28 7.30 12.45
N11 L0X F . 37.01 8.00 12.74
C12 L0X F . 35.72 7.49 12.15
N13 L0X F . 34.61 8.09 12.41
N14 L0X F . 35.74 6.30 11.29
C15 L0X F . 44.13 6.17 10.49
C16 L0X F . 44.57 6.09 11.88
C17 L0X F . 45.32 4.77 12.05
N18 L0X F . 44.60 3.67 11.78
C19 L0X F . 45.38 2.66 11.88
C20 L0X F . 44.60 1.29 11.65
C21 L0X F . 45.32 0.17 12.48
C22 L0X F . 44.65 -1.00 12.78
C23 L0X F . 45.31 -1.98 13.53
C24 L0X F . 46.61 -1.80 13.94
C25 L0X F . 47.28 -0.62 13.63
C26 L0X F . 46.63 0.37 12.89
C27 L0X F . 44.04 3.71 10.49
C28 L0X F . 43.21 5.01 10.24
#